data_3VBF
#
_entry.id   3VBF
#
_cell.length_a   600.100
_cell.length_b   600.100
_cell.length_c   600.100
_cell.angle_alpha   90.00
_cell.angle_beta   90.00
_cell.angle_gamma   90.00
#
_symmetry.space_group_name_H-M   'I 2 3'
#
loop_
_entity.id
_entity.type
_entity.pdbx_description
1 polymer 'Genome Polyprotein, capsid protein VP1'
2 polymer 'Genome Polyprotein, capsid protein VP2'
3 polymer 'Genome Polyprotein, capsid protein VP3'
4 polymer 'Genome Polyprotein, capsid protein VP4'
5 non-polymer SPHINGOSINE
6 non-polymer 'ADENOSINE MONOPHOSPHATE'
7 non-polymer 'POTASSIUM ION'
8 non-polymer 'SODIUM ION'
9 non-polymer 'CHLORIDE ION'
10 water water
#
loop_
_entity_poly.entity_id
_entity_poly.type
_entity_poly.pdbx_seq_one_letter_code
_entity_poly.pdbx_strand_id
1 'polypeptide(L)'
;GDRVADVIESSIGDSVSRALTHALPAPTGQNTQVSSHRLDTGKVPALQAAEIGASSNASDESMIETRCVLNSHSTAETTL
DSFFSRAGLVGEIDLPLKGTTNPNGYANWDIDITGYAQMRRKVELFTYMRFDAEFTFVACTPTGEVVPQLLQYMFVPPGA
PKPDSRESLAWQTATNPSVFVKLSDPPAQVSVPFMSPASAYQWFYDGYPTFGEHKQEKDLEYGAMPNNMMGTFSVRTVGT
SKSKYPLVVRIYMRMKHVRAWIPRPMRNQNYLFKANPNYAGNSIKPTGASRTAITTL
;
A
2 'polypeptide(L)'
;SDRVAQLTIGNSTITTQEAANIIVGYGEWPSYCSDSDATAVDKPTRPDVSVNRFYTLDTKLWEKSSKGWYWKFPDVLTET
GVFGQNAQFHYLYRSGFCIHVQCNASKFHQGALLVAVLPEYVIGTVAGGTGTEDTHPPYKQTQPGADGFELQHPYVLDAG
IPISQLTVCPHQWINLRTNNCATIIVPYINALPFDSALNHCNFGLLVVPISPLDYDQGATPVIPITITLAPMCSEFAGLR
QAVTQ
;
B
3 'polypeptide(L)'
;GFPTELKPGTNQFLTTDDGVSAPILPNFHPTPCIHIPGEVRNLLELCQVETILEVNNVPTNATSLMERLRFPVSAQAGKG
ELCAVFRADPGRNGPWQSTLLGQLCGYYTQWSGSLEVTFMFTGSFMATGKMLIAYTPPGGPLPKDRATAMLGTHVIWDFG
LQSSVTLVIPWISNTHYRAHARDGVFDYYTTGLVSIWYQTNYVVPIGAPNTAYIIALAAAQKNFTMKLCKDASDILQTGT
IQ
;
C
4 'polypeptide(L)' SHENSNSATEGSTINYTTINYYKDSYAATAGKQSLKQDPDKFANPVKDIFTEMAAPLK D
#
# COMPACT_ATOMS: atom_id res chain seq x y z
N GLY A 1 7.33 -7.16 45.64
CA GLY A 1 5.86 -7.34 45.82
C GLY A 1 5.05 -6.08 45.57
N ASP A 2 3.84 -6.25 45.02
CA ASP A 2 2.89 -5.16 44.69
C ASP A 2 1.74 -5.07 45.74
N ARG A 3 1.46 -3.87 46.27
CA ARG A 3 0.41 -3.72 47.31
C ARG A 3 -0.63 -2.61 47.08
N VAL A 4 -0.26 -1.52 46.39
CA VAL A 4 -1.22 -0.45 46.15
C VAL A 4 -2.08 -0.95 45.00
N ALA A 5 -3.37 -0.73 45.12
CA ALA A 5 -4.28 -1.23 44.11
C ALA A 5 -4.05 -0.87 42.66
N ASP A 6 -3.68 0.37 42.34
CA ASP A 6 -3.53 0.75 40.94
C ASP A 6 -2.46 -0.06 40.22
N VAL A 7 -1.52 -0.56 40.99
CA VAL A 7 -0.43 -1.36 40.47
C VAL A 7 -0.90 -2.78 40.19
N ILE A 8 -1.63 -3.34 41.14
CA ILE A 8 -2.20 -4.67 41.00
C ILE A 8 -3.13 -4.75 39.79
N GLU A 9 -4.07 -3.81 39.70
CA GLU A 9 -5.03 -3.77 38.61
C GLU A 9 -4.55 -3.16 37.29
N SER A 10 -3.27 -2.80 37.16
CA SER A 10 -2.85 -2.18 35.89
C SER A 10 -2.55 -3.17 34.80
N SER A 11 -2.65 -2.70 33.55
CA SER A 11 -2.39 -3.52 32.37
C SER A 11 -1.01 -3.21 31.76
N ILE A 12 -0.19 -2.45 32.49
CA ILE A 12 1.15 -2.11 32.04
C ILE A 12 1.89 -3.44 31.82
N GLY A 13 2.47 -3.61 30.64
CA GLY A 13 3.17 -4.85 30.37
C GLY A 13 2.46 -5.92 29.54
N ASP A 14 1.17 -5.77 29.24
CA ASP A 14 0.44 -6.75 28.43
C ASP A 14 1.12 -6.85 27.05
N SER A 15 1.72 -8.00 26.77
CA SER A 15 2.48 -8.27 25.53
C SER A 15 1.68 -8.88 24.41
N VAL A 16 0.44 -9.27 24.72
CA VAL A 16 -0.47 -9.89 23.76
C VAL A 16 -1.18 -8.84 22.91
N SER A 17 -0.94 -8.88 21.62
CA SER A 17 -1.56 -7.93 20.70
C SER A 17 -2.99 -8.35 20.44
N ARG A 18 -3.94 -7.65 21.08
CA ARG A 18 -5.36 -7.93 20.91
C ARG A 18 -5.72 -7.68 19.42
N ALA A 19 -6.16 -8.73 18.73
CA ALA A 19 -6.52 -8.63 17.30
C ALA A 19 -8.04 -8.69 17.05
N LEU A 20 -8.57 -7.72 16.32
CA LEU A 20 -9.99 -7.66 16.02
C LEU A 20 -10.44 -8.55 14.85
N THR A 21 -9.50 -9.05 14.05
CA THR A 21 -9.86 -9.87 12.88
C THR A 21 -9.05 -11.15 12.84
N HIS A 22 -9.51 -12.12 12.06
CA HIS A 22 -8.78 -13.38 11.91
C HIS A 22 -8.98 -13.94 10.51
N ALA A 23 -8.02 -14.71 10.05
CA ALA A 23 -8.08 -15.29 8.71
C ALA A 23 -8.94 -16.53 8.59
N LEU A 24 -9.65 -16.62 7.49
CA LEU A 24 -10.50 -17.75 7.20
C LEU A 24 -10.01 -18.38 5.93
N PRO A 25 -10.26 -19.66 5.75
CA PRO A 25 -9.81 -20.29 4.52
C PRO A 25 -10.76 -19.84 3.42
N ALA A 26 -10.19 -19.55 2.26
CA ALA A 26 -10.93 -19.06 1.11
C ALA A 26 -10.20 -19.50 -0.15
N PRO A 27 -10.34 -20.78 -0.48
CA PRO A 27 -9.72 -21.40 -1.65
C PRO A 27 -10.45 -21.13 -2.95
N THR A 28 -11.69 -20.65 -2.83
CA THR A 28 -12.50 -20.32 -4.00
C THR A 28 -13.26 -19.04 -3.77
N GLY A 29 -13.75 -18.47 -4.86
CA GLY A 29 -14.55 -17.27 -4.77
C GLY A 29 -15.86 -17.63 -4.09
N GLN A 30 -16.41 -16.67 -3.36
CA GLN A 30 -17.65 -16.91 -2.65
C GLN A 30 -18.82 -17.24 -3.56
N ASN A 31 -19.73 -18.03 -3.04
CA ASN A 31 -20.89 -18.40 -3.82
C ASN A 31 -21.98 -17.39 -3.71
N THR A 32 -22.99 -17.55 -4.56
CA THR A 32 -24.13 -16.66 -4.54
C THR A 32 -25.32 -17.47 -4.09
N GLN A 33 -26.08 -16.88 -3.17
CA GLN A 33 -27.28 -17.50 -2.62
C GLN A 33 -28.51 -16.94 -3.31
N VAL A 34 -29.59 -17.72 -3.31
CA VAL A 34 -30.84 -17.26 -3.90
C VAL A 34 -31.37 -16.12 -3.04
N SER A 35 -31.97 -15.11 -3.64
CA SER A 35 -32.56 -14.03 -2.85
C SER A 35 -33.89 -13.65 -3.51
N SER A 36 -34.74 -12.96 -2.77
CA SER A 36 -36.01 -12.53 -3.32
C SER A 36 -36.27 -11.09 -2.97
N HIS A 37 -37.46 -10.62 -3.33
CA HIS A 37 -37.79 -9.25 -3.04
C HIS A 37 -37.96 -9.04 -1.56
N ARG A 38 -37.53 -7.85 -1.11
CA ARG A 38 -37.64 -7.40 0.27
C ARG A 38 -38.27 -6.01 0.22
N LEU A 39 -39.46 -5.87 0.82
CA LEU A 39 -40.14 -4.57 0.88
C LEU A 39 -40.24 -4.26 2.37
N ASP A 40 -39.16 -3.72 2.92
CA ASP A 40 -39.04 -3.45 4.34
C ASP A 40 -38.58 -2.08 4.82
N THR A 41 -39.05 -1.72 6.02
CA THR A 41 -38.60 -0.50 6.69
C THR A 41 -37.54 -0.98 7.71
N GLY A 42 -36.62 -0.11 8.12
CA GLY A 42 -35.60 -0.50 9.08
C GLY A 42 -34.36 -1.15 8.53
N LYS A 43 -34.54 -2.10 7.58
CA LYS A 43 -33.45 -2.81 6.92
C LYS A 43 -33.02 -1.99 5.71
N VAL A 44 -31.74 -1.61 5.68
CA VAL A 44 -31.27 -0.79 4.58
C VAL A 44 -29.77 -1.04 4.24
N PRO A 45 -29.48 -2.20 3.63
CA PRO A 45 -28.14 -2.64 3.20
C PRO A 45 -27.44 -1.70 2.25
N ALA A 46 -28.22 -1.10 1.37
CA ALA A 46 -27.69 -0.20 0.34
C ALA A 46 -27.08 1.08 0.87
N LEU A 47 -27.60 1.56 1.99
CA LEU A 47 -27.10 2.79 2.60
C LEU A 47 -25.86 2.53 3.46
N GLN A 48 -24.82 3.33 3.23
CA GLN A 48 -23.56 3.19 3.94
C GLN A 48 -23.08 4.51 4.52
N ALA A 49 -21.96 4.49 5.22
CA ALA A 49 -21.37 5.69 5.80
C ALA A 49 -19.87 5.53 5.62
N ALA A 50 -19.41 5.92 4.44
CA ALA A 50 -17.99 5.77 4.09
C ALA A 50 -17.05 6.50 5.03
N GLU A 51 -17.57 7.50 5.73
CA GLU A 51 -16.77 8.28 6.67
C GLU A 51 -16.12 7.40 7.73
N ILE A 52 -16.80 6.30 8.06
CA ILE A 52 -16.30 5.40 9.10
C ILE A 52 -14.92 4.86 8.78
N GLY A 53 -14.64 4.67 7.49
CA GLY A 53 -13.34 4.17 7.11
C GLY A 53 -13.37 2.75 6.62
N ALA A 54 -14.55 2.14 6.65
CA ALA A 54 -14.68 0.76 6.18
C ALA A 54 -15.31 0.72 4.81
N SER A 55 -15.10 -0.39 4.11
CA SER A 55 -15.66 -0.59 2.77
C SER A 55 -17.09 -1.09 2.92
N SER A 56 -17.89 -0.92 1.87
CA SER A 56 -19.28 -1.34 1.94
C SER A 56 -19.44 -2.84 2.21
N ASN A 57 -20.44 -3.15 3.02
CA ASN A 57 -20.77 -4.52 3.38
C ASN A 57 -21.96 -5.07 2.58
N ALA A 58 -22.50 -4.26 1.67
CA ALA A 58 -23.61 -4.69 0.82
C ALA A 58 -23.17 -5.76 -0.18
N SER A 59 -24.03 -6.76 -0.39
CA SER A 59 -23.72 -7.84 -1.33
C SER A 59 -24.77 -7.97 -2.41
N ASP A 60 -24.41 -8.70 -3.44
CA ASP A 60 -25.29 -8.91 -4.57
C ASP A 60 -26.69 -9.29 -4.09
N GLU A 61 -26.75 -10.31 -3.23
CA GLU A 61 -28.00 -10.86 -2.71
C GLU A 61 -29.00 -9.85 -2.16
N SER A 62 -28.48 -8.78 -1.57
CA SER A 62 -29.33 -7.77 -0.97
C SER A 62 -29.69 -6.60 -1.88
N MET A 63 -29.09 -6.52 -3.05
CA MET A 63 -29.36 -5.42 -3.97
C MET A 63 -30.22 -5.82 -5.18
N ILE A 64 -30.21 -7.10 -5.52
CA ILE A 64 -31.02 -7.59 -6.65
C ILE A 64 -31.44 -9.01 -6.34
N GLU A 65 -32.41 -9.53 -7.08
CA GLU A 65 -32.81 -10.91 -6.89
C GLU A 65 -31.79 -11.75 -7.64
N THR A 66 -31.10 -12.59 -6.86
CA THR A 66 -30.07 -13.46 -7.37
C THR A 66 -30.48 -14.93 -7.42
N ARG A 67 -29.74 -15.70 -8.23
CA ARG A 67 -29.96 -17.13 -8.33
C ARG A 67 -28.87 -17.73 -7.46
N CYS A 68 -28.81 -19.05 -7.41
CA CYS A 68 -27.76 -19.71 -6.67
C CYS A 68 -26.62 -19.98 -7.65
N VAL A 69 -25.39 -19.68 -7.25
CA VAL A 69 -24.26 -19.97 -8.13
C VAL A 69 -23.19 -20.62 -7.27
N LEU A 70 -22.73 -21.80 -7.68
CA LEU A 70 -21.67 -22.50 -6.98
C LEU A 70 -20.38 -22.16 -7.70
N ASN A 71 -19.65 -21.26 -7.05
CA ASN A 71 -18.41 -20.71 -7.55
C ASN A 71 -17.21 -21.53 -7.13
N SER A 72 -16.58 -22.16 -8.10
CA SER A 72 -15.42 -22.98 -7.83
C SER A 72 -14.15 -22.32 -8.37
N HIS A 73 -14.25 -21.02 -8.70
CA HIS A 73 -13.09 -20.28 -9.20
C HIS A 73 -12.02 -20.19 -8.08
N SER A 74 -10.80 -20.64 -8.37
CA SER A 74 -9.70 -20.64 -7.39
C SER A 74 -9.06 -19.29 -7.09
N THR A 75 -8.55 -19.17 -5.86
CA THR A 75 -7.89 -17.95 -5.40
C THR A 75 -6.40 -18.18 -5.26
N ALA A 76 -5.93 -19.32 -5.73
CA ALA A 76 -4.54 -19.67 -5.61
C ALA A 76 -3.52 -18.81 -6.32
N GLU A 77 -3.85 -18.28 -7.50
CA GLU A 77 -2.86 -17.50 -8.22
C GLU A 77 -2.65 -16.11 -7.65
N THR A 78 -3.43 -15.72 -6.64
CA THR A 78 -3.21 -14.39 -6.10
C THR A 78 -2.50 -14.39 -4.74
N THR A 79 -1.83 -15.50 -4.42
CA THR A 79 -1.07 -15.58 -3.18
C THR A 79 0.23 -14.79 -3.41
N LEU A 80 0.89 -14.38 -2.35
CA LEU A 80 2.13 -13.64 -2.50
C LEU A 80 3.17 -14.45 -3.29
N ASP A 81 3.35 -15.73 -2.98
CA ASP A 81 4.35 -16.54 -3.70
C ASP A 81 3.97 -16.63 -5.20
N SER A 82 2.68 -16.73 -5.52
CA SER A 82 2.28 -16.80 -6.94
C SER A 82 2.63 -15.53 -7.69
N PHE A 83 2.34 -14.40 -7.06
CA PHE A 83 2.59 -13.10 -7.65
C PHE A 83 4.08 -12.77 -7.77
N PHE A 84 4.86 -13.12 -6.75
CA PHE A 84 6.27 -12.77 -6.72
C PHE A 84 7.29 -13.80 -7.14
N SER A 85 6.95 -15.08 -7.09
CA SER A 85 7.94 -16.08 -7.43
C SER A 85 8.05 -16.32 -8.92
N ARG A 86 8.48 -15.28 -9.62
CA ARG A 86 8.65 -15.28 -11.06
C ARG A 86 9.91 -14.45 -11.26
N ALA A 87 10.92 -15.03 -11.89
CA ALA A 87 12.18 -14.31 -12.09
C ALA A 87 12.08 -13.12 -13.01
N GLY A 88 12.60 -11.99 -12.54
CA GLY A 88 12.61 -10.76 -13.33
C GLY A 88 14.00 -10.15 -13.29
N LEU A 89 14.31 -9.30 -14.27
CA LEU A 89 15.62 -8.66 -14.32
C LEU A 89 15.81 -7.63 -13.21
N VAL A 90 16.91 -7.72 -12.47
CA VAL A 90 17.16 -6.74 -11.42
C VAL A 90 18.54 -6.07 -11.54
N GLY A 91 19.37 -6.55 -12.47
CA GLY A 91 20.68 -5.96 -12.64
C GLY A 91 21.36 -6.37 -13.95
N GLU A 92 22.15 -5.45 -14.51
CA GLU A 92 22.92 -5.69 -15.73
C GLU A 92 24.32 -5.19 -15.42
N ILE A 93 25.31 -5.98 -15.77
CA ILE A 93 26.69 -5.61 -15.53
C ILE A 93 27.45 -5.76 -16.83
N ASP A 94 28.17 -4.70 -17.20
CA ASP A 94 28.97 -4.68 -18.42
C ASP A 94 30.43 -4.91 -18.14
N LEU A 95 31.07 -5.68 -18.98
CA LEU A 95 32.50 -5.93 -18.88
C LEU A 95 33.06 -5.75 -20.28
N PRO A 96 33.23 -4.49 -20.72
CA PRO A 96 33.76 -4.23 -22.05
C PRO A 96 35.27 -4.37 -22.12
N LEU A 97 35.81 -4.29 -23.33
CA LEU A 97 37.25 -4.42 -23.54
C LEU A 97 37.87 -3.04 -23.54
N LYS A 98 37.53 -2.27 -24.57
CA LYS A 98 37.96 -0.89 -24.76
C LYS A 98 36.76 -0.14 -24.21
N GLY A 99 36.89 0.37 -22.99
CA GLY A 99 35.76 1.07 -22.42
C GLY A 99 36.08 2.18 -21.45
N THR A 100 35.03 2.92 -21.15
CA THR A 100 35.09 4.04 -20.23
C THR A 100 34.82 3.53 -18.81
N THR A 101 33.84 2.64 -18.70
CA THR A 101 33.43 2.05 -17.42
C THR A 101 34.35 0.95 -16.84
N ASN A 102 34.16 -0.30 -17.23
CA ASN A 102 34.96 -1.43 -16.70
C ASN A 102 35.96 -2.07 -17.69
N PRO A 103 37.02 -1.31 -18.10
CA PRO A 103 38.03 -1.82 -19.04
C PRO A 103 39.10 -2.72 -18.39
N ASN A 104 38.95 -2.91 -17.08
CA ASN A 104 39.90 -3.69 -16.30
C ASN A 104 39.54 -5.16 -16.08
N GLY A 105 38.46 -5.63 -16.70
CA GLY A 105 38.11 -7.03 -16.57
C GLY A 105 37.37 -7.50 -15.33
N TYR A 106 36.86 -6.59 -14.53
CA TYR A 106 36.10 -6.96 -13.34
C TYR A 106 35.09 -5.88 -13.12
N ALA A 107 34.14 -6.13 -12.23
CA ALA A 107 33.11 -5.13 -11.95
C ALA A 107 32.49 -5.42 -10.60
N ASN A 108 32.09 -4.36 -9.92
CA ASN A 108 31.46 -4.46 -8.62
C ASN A 108 30.08 -3.86 -8.72
N TRP A 109 29.06 -4.62 -8.31
CA TRP A 109 27.68 -4.12 -8.36
C TRP A 109 27.07 -4.12 -6.97
N ASP A 110 26.68 -2.94 -6.48
CA ASP A 110 26.05 -2.86 -5.17
C ASP A 110 24.66 -3.39 -5.34
N ILE A 111 24.35 -4.40 -4.55
CA ILE A 111 23.07 -5.06 -4.62
C ILE A 111 21.93 -4.13 -4.23
N ASP A 112 21.16 -3.77 -5.25
CA ASP A 112 20.01 -2.88 -5.14
C ASP A 112 19.13 -3.24 -6.32
N ILE A 113 17.93 -3.74 -6.05
CA ILE A 113 17.04 -4.15 -7.14
C ILE A 113 16.09 -3.07 -7.67
N THR A 114 16.22 -1.85 -7.17
CA THR A 114 15.34 -0.76 -7.60
C THR A 114 15.73 -0.06 -8.90
N GLY A 115 16.60 -0.69 -9.68
CA GLY A 115 17.00 -0.08 -10.94
C GLY A 115 16.09 -0.40 -12.12
N TYR A 116 15.16 -1.34 -11.94
CA TYR A 116 14.25 -1.74 -13.03
C TYR A 116 12.81 -1.64 -12.59
N ALA A 117 12.04 -0.88 -13.35
CA ALA A 117 10.67 -0.58 -12.99
C ALA A 117 9.66 -1.70 -12.84
N GLN A 118 9.76 -2.75 -13.65
CA GLN A 118 8.77 -3.82 -13.52
C GLN A 118 8.82 -4.45 -12.14
N MET A 119 9.99 -4.96 -11.78
CA MET A 119 10.18 -5.60 -10.49
C MET A 119 9.94 -4.61 -9.34
N ARG A 120 10.50 -3.42 -9.47
CA ARG A 120 10.38 -2.42 -8.42
C ARG A 120 8.95 -2.07 -8.07
N ARG A 121 8.13 -1.82 -9.08
CA ARG A 121 6.76 -1.43 -8.82
C ARG A 121 6.01 -2.49 -8.07
N LYS A 122 6.28 -3.76 -8.39
CA LYS A 122 5.63 -4.88 -7.71
C LYS A 122 6.00 -4.96 -6.23
N VAL A 123 7.28 -4.93 -5.89
CA VAL A 123 7.64 -5.04 -4.49
C VAL A 123 7.25 -3.80 -3.70
N GLU A 124 7.14 -2.66 -4.35
CA GLU A 124 6.78 -1.45 -3.61
C GLU A 124 5.31 -1.32 -3.27
N LEU A 125 4.56 -2.38 -3.55
CA LEU A 125 3.14 -2.42 -3.21
C LEU A 125 3.08 -2.63 -1.69
N PHE A 126 4.16 -3.14 -1.10
CA PHE A 126 4.22 -3.39 0.34
C PHE A 126 5.33 -2.59 0.97
N THR A 127 5.22 -2.38 2.27
CA THR A 127 6.23 -1.62 3.00
C THR A 127 7.35 -2.54 3.49
N TYR A 128 6.98 -3.68 4.05
CA TYR A 128 7.99 -4.62 4.54
C TYR A 128 7.82 -5.95 3.83
N MET A 129 8.92 -6.58 3.48
CA MET A 129 8.88 -7.88 2.84
C MET A 129 10.01 -8.75 3.36
N ARG A 130 9.70 -10.02 3.57
CA ARG A 130 10.68 -10.98 4.08
C ARG A 130 10.59 -12.16 3.13
N PHE A 131 11.74 -12.62 2.62
CA PHE A 131 11.74 -13.73 1.67
C PHE A 131 13.12 -14.29 1.41
N ASP A 132 13.14 -15.43 0.74
CA ASP A 132 14.38 -16.09 0.31
C ASP A 132 14.39 -15.80 -1.18
N ALA A 133 15.49 -16.11 -1.85
CA ALA A 133 15.53 -15.82 -3.26
C ALA A 133 16.43 -16.74 -4.04
N GLU A 134 16.11 -16.85 -5.32
CA GLU A 134 16.88 -17.65 -6.24
C GLU A 134 17.42 -16.67 -7.28
N PHE A 135 18.74 -16.59 -7.37
CA PHE A 135 19.41 -15.71 -8.33
C PHE A 135 19.96 -16.49 -9.50
N THR A 136 19.71 -15.99 -10.70
CA THR A 136 20.18 -16.63 -11.91
C THR A 136 21.00 -15.61 -12.69
N PHE A 137 22.16 -16.05 -13.18
CA PHE A 137 23.07 -15.18 -13.92
C PHE A 137 23.22 -15.63 -15.37
N VAL A 138 22.73 -14.78 -16.28
CA VAL A 138 22.78 -15.03 -17.71
C VAL A 138 23.86 -14.17 -18.35
N ALA A 139 24.91 -14.84 -18.84
CA ALA A 139 26.02 -14.12 -19.45
C ALA A 139 26.23 -14.41 -20.92
N CYS A 140 26.64 -13.38 -21.66
CA CYS A 140 26.91 -13.51 -23.08
C CYS A 140 27.59 -12.24 -23.58
N THR A 141 27.94 -12.22 -24.87
CA THR A 141 28.55 -11.04 -25.45
C THR A 141 27.39 -10.10 -25.77
N PRO A 142 27.70 -8.86 -26.14
CA PRO A 142 26.64 -7.90 -26.44
C PRO A 142 25.74 -8.25 -27.61
N THR A 143 26.16 -9.20 -28.43
CA THR A 143 25.35 -9.62 -29.58
C THR A 143 24.53 -10.85 -29.22
N GLY A 144 24.67 -11.31 -27.99
CA GLY A 144 23.95 -12.49 -27.54
C GLY A 144 24.73 -13.76 -27.83
N GLU A 145 26.00 -13.59 -28.19
CA GLU A 145 26.83 -14.73 -28.52
C GLU A 145 27.40 -15.42 -27.28
N VAL A 146 27.71 -16.70 -27.44
CA VAL A 146 28.27 -17.50 -26.38
C VAL A 146 29.72 -17.78 -26.74
N VAL A 147 30.64 -17.48 -25.83
CA VAL A 147 32.05 -17.72 -26.09
C VAL A 147 32.63 -18.55 -24.95
N PRO A 148 33.70 -19.30 -25.24
CA PRO A 148 34.40 -20.17 -24.30
C PRO A 148 35.25 -19.35 -23.32
N GLN A 149 34.56 -18.70 -22.40
CA GLN A 149 35.16 -17.83 -21.42
C GLN A 149 34.73 -18.23 -20.00
N LEU A 150 35.69 -18.24 -19.08
CA LEU A 150 35.43 -18.59 -17.69
C LEU A 150 35.31 -17.37 -16.79
N LEU A 151 34.25 -17.32 -15.98
CA LEU A 151 34.03 -16.20 -15.08
C LEU A 151 33.99 -16.62 -13.62
N GLN A 152 34.20 -15.65 -12.73
CA GLN A 152 34.07 -15.89 -11.29
C GLN A 152 33.12 -14.82 -10.74
N TYR A 153 32.11 -15.27 -10.01
CA TYR A 153 31.17 -14.34 -9.37
C TYR A 153 31.43 -14.52 -7.89
N MET A 154 31.53 -13.41 -7.17
CA MET A 154 31.74 -13.50 -5.75
C MET A 154 30.81 -12.59 -4.99
N PHE A 155 30.29 -13.08 -3.88
CA PHE A 155 29.41 -12.29 -3.05
C PHE A 155 30.27 -11.68 -1.97
N VAL A 156 30.28 -10.36 -1.90
CA VAL A 156 31.09 -9.67 -0.92
C VAL A 156 30.20 -8.95 0.08
N PRO A 157 30.02 -9.55 1.27
CA PRO A 157 29.16 -8.88 2.26
C PRO A 157 29.82 -7.64 2.78
N PRO A 158 29.04 -6.75 3.37
CA PRO A 158 29.55 -5.49 3.92
C PRO A 158 30.71 -5.79 4.86
N GLY A 159 31.85 -5.16 4.64
CA GLY A 159 32.98 -5.40 5.52
C GLY A 159 34.06 -6.31 4.96
N ALA A 160 33.70 -7.07 3.92
CA ALA A 160 34.67 -7.95 3.28
C ALA A 160 35.37 -7.04 2.27
N PRO A 161 36.62 -7.35 1.93
CA PRO A 161 37.33 -6.51 0.96
C PRO A 161 36.80 -6.57 -0.47
N LYS A 162 36.39 -5.43 -1.04
CA LYS A 162 35.88 -5.43 -2.43
C LYS A 162 37.07 -5.53 -3.37
N PRO A 163 36.99 -6.39 -4.38
CA PRO A 163 38.14 -6.45 -5.28
C PRO A 163 38.33 -5.13 -6.03
N ASP A 164 39.59 -4.77 -6.27
CA ASP A 164 39.93 -3.54 -6.97
C ASP A 164 40.64 -3.81 -8.29
N SER A 165 40.65 -5.06 -8.72
CA SER A 165 41.29 -5.42 -9.98
C SER A 165 40.97 -6.86 -10.30
N ARG A 166 41.23 -7.24 -11.54
CA ARG A 166 40.99 -8.59 -11.99
C ARG A 166 41.92 -9.53 -11.21
N GLU A 167 42.99 -8.99 -10.63
CA GLU A 167 43.94 -9.83 -9.89
C GLU A 167 43.97 -9.64 -8.38
N SER A 168 42.96 -8.97 -7.84
CA SER A 168 42.89 -8.74 -6.40
C SER A 168 43.04 -10.01 -5.57
N LEU A 169 43.74 -9.89 -4.44
CA LEU A 169 43.94 -11.03 -3.54
C LEU A 169 42.58 -11.51 -3.01
N ALA A 170 41.59 -10.62 -3.01
CA ALA A 170 40.27 -10.98 -2.51
C ALA A 170 39.63 -12.13 -3.28
N TRP A 171 40.07 -12.37 -4.51
CA TRP A 171 39.47 -13.45 -5.31
C TRP A 171 39.88 -14.84 -4.80
N GLN A 172 40.74 -14.89 -3.78
CA GLN A 172 41.16 -16.16 -3.19
C GLN A 172 39.90 -16.81 -2.61
N THR A 173 38.94 -15.95 -2.27
CA THR A 173 37.61 -16.30 -1.77
C THR A 173 37.55 -17.43 -0.75
N ALA A 174 38.46 -17.40 0.22
CA ALA A 174 38.53 -18.45 1.23
C ALA A 174 37.32 -18.54 2.13
N THR A 175 36.54 -17.48 2.21
CA THR A 175 35.35 -17.49 3.05
C THR A 175 34.09 -17.02 2.32
N ASN A 176 34.17 -15.98 1.50
CA ASN A 176 33.00 -15.53 0.75
C ASN A 176 32.58 -16.62 -0.22
N PRO A 177 31.31 -16.59 -0.64
CA PRO A 177 30.93 -17.63 -1.60
C PRO A 177 31.18 -17.13 -3.02
N SER A 178 31.79 -17.98 -3.85
CA SER A 178 32.05 -17.63 -5.24
C SER A 178 31.50 -18.75 -6.12
N VAL A 179 31.17 -18.38 -7.35
CA VAL A 179 30.72 -19.35 -8.33
C VAL A 179 31.63 -19.22 -9.52
N PHE A 180 32.16 -20.35 -9.97
CA PHE A 180 33.01 -20.35 -11.15
C PHE A 180 32.18 -21.03 -12.22
N VAL A 181 32.00 -20.36 -13.34
CA VAL A 181 31.18 -20.94 -14.41
C VAL A 181 31.62 -20.43 -15.78
N LYS A 182 31.38 -21.22 -16.83
CA LYS A 182 31.73 -20.82 -18.20
C LYS A 182 30.50 -20.19 -18.86
N LEU A 183 30.71 -19.31 -19.83
CA LEU A 183 29.59 -18.71 -20.56
C LEU A 183 28.87 -19.80 -21.35
N SER A 184 29.62 -20.85 -21.69
CA SER A 184 29.07 -21.95 -22.46
C SER A 184 28.14 -22.85 -21.64
N ASP A 185 28.25 -22.75 -20.32
CA ASP A 185 27.40 -23.53 -19.41
C ASP A 185 26.03 -22.87 -19.30
N PRO A 186 25.04 -23.57 -18.72
CA PRO A 186 23.71 -22.95 -18.58
C PRO A 186 23.91 -21.84 -17.55
N PRO A 187 22.92 -20.94 -17.40
CA PRO A 187 23.06 -19.86 -16.42
C PRO A 187 23.30 -20.40 -15.01
N ALA A 188 24.20 -19.76 -14.26
CA ALA A 188 24.45 -20.18 -12.89
C ALA A 188 23.22 -19.81 -12.08
N GLN A 189 22.94 -20.57 -11.03
CA GLN A 189 21.76 -20.33 -10.23
C GLN A 189 22.02 -20.77 -8.79
N VAL A 190 21.64 -19.93 -7.82
CA VAL A 190 21.85 -20.25 -6.41
C VAL A 190 20.69 -19.78 -5.55
N SER A 191 20.62 -20.29 -4.32
CA SER A 191 19.58 -19.88 -3.38
C SER A 191 20.22 -18.97 -2.35
N VAL A 192 19.49 -17.92 -1.98
CA VAL A 192 19.95 -16.93 -1.03
C VAL A 192 18.93 -16.86 0.11
N PRO A 193 19.41 -16.79 1.36
CA PRO A 193 18.48 -16.72 2.50
C PRO A 193 18.07 -15.28 2.79
N PHE A 194 17.23 -15.08 3.80
CA PHE A 194 16.82 -13.73 4.19
C PHE A 194 17.98 -13.21 5.06
N MET A 195 18.69 -12.19 4.58
CA MET A 195 19.88 -11.72 5.28
C MET A 195 19.88 -10.46 6.09
N SER A 196 18.78 -9.74 6.14
CA SER A 196 18.79 -8.49 6.88
C SER A 196 18.96 -8.63 8.38
N PRO A 197 19.52 -7.61 9.03
CA PRO A 197 19.71 -7.62 10.48
C PRO A 197 18.31 -7.37 11.08
N ALA A 198 17.38 -6.89 10.24
CA ALA A 198 15.99 -6.63 10.67
C ALA A 198 15.11 -7.84 10.34
N SER A 199 13.85 -7.84 10.81
CA SER A 199 12.98 -8.97 10.52
C SER A 199 12.50 -8.94 9.09
N ALA A 200 12.68 -7.81 8.43
CA ALA A 200 12.27 -7.68 7.04
C ALA A 200 13.01 -6.59 6.31
N TYR A 201 12.99 -6.69 5.00
CA TYR A 201 13.57 -5.65 4.15
C TYR A 201 12.43 -4.62 4.12
N GLN A 202 12.77 -3.35 3.95
CA GLN A 202 11.71 -2.35 3.85
C GLN A 202 12.04 -1.40 2.71
N TRP A 203 11.13 -1.30 1.76
CA TRP A 203 11.33 -0.45 0.59
C TRP A 203 11.18 1.01 0.92
N PHE A 204 10.69 1.30 2.12
CA PHE A 204 10.51 2.66 2.57
C PHE A 204 10.96 2.82 4.01
N TYR A 205 11.84 3.79 4.21
CA TYR A 205 12.37 4.10 5.53
C TYR A 205 12.32 5.62 5.72
N ASP A 206 11.34 6.09 6.46
CA ASP A 206 11.21 7.53 6.71
C ASP A 206 12.12 7.94 7.86
N GLY A 207 13.40 8.10 7.57
CA GLY A 207 14.31 8.50 8.62
C GLY A 207 15.74 8.62 8.14
N TYR A 208 16.64 8.81 9.08
CA TYR A 208 18.05 8.95 8.76
C TYR A 208 18.78 7.81 9.43
N PRO A 209 19.89 7.38 8.85
CA PRO A 209 20.66 6.29 9.44
C PRO A 209 21.51 6.67 10.65
N THR A 210 21.77 7.95 10.83
CA THR A 210 22.61 8.37 11.94
C THR A 210 22.06 9.59 12.67
N PHE A 211 22.64 9.85 13.84
CA PHE A 211 22.27 10.99 14.67
C PHE A 211 23.07 12.21 14.19
N GLY A 212 22.73 13.38 14.70
CA GLY A 212 23.45 14.60 14.31
C GLY A 212 22.59 15.64 13.63
N GLU A 213 23.22 16.72 13.16
CA GLU A 213 22.48 17.77 12.46
C GLU A 213 22.31 17.23 11.07
N HIS A 214 21.15 17.45 10.48
CA HIS A 214 20.94 16.93 9.14
C HIS A 214 20.96 18.06 8.14
N LYS A 215 22.16 18.61 8.01
CA LYS A 215 22.47 19.72 7.13
C LYS A 215 22.40 19.31 5.66
N GLN A 216 22.11 20.27 4.78
CA GLN A 216 21.97 20.06 3.33
C GLN A 216 22.89 19.02 2.70
N GLU A 217 24.17 19.03 3.07
CA GLU A 217 25.12 18.08 2.50
C GLU A 217 24.91 16.60 2.86
N LYS A 218 24.29 16.33 4.01
CA LYS A 218 24.02 14.96 4.46
C LYS A 218 22.49 14.77 4.42
N ASP A 219 21.91 15.10 3.28
CA ASP A 219 20.47 14.99 3.06
C ASP A 219 20.30 13.89 2.06
N LEU A 220 21.43 13.49 1.47
CA LEU A 220 21.36 12.40 0.51
C LEU A 220 21.25 11.14 1.34
N GLU A 221 21.34 11.29 2.66
CA GLU A 221 21.21 10.12 3.46
C GLU A 221 19.80 9.87 4.01
N TYR A 222 18.88 10.80 3.74
CA TYR A 222 17.50 10.62 4.15
C TYR A 222 16.92 9.42 3.41
N GLY A 223 16.40 8.46 4.16
CA GLY A 223 15.81 7.30 3.51
C GLY A 223 16.77 6.14 3.34
N ALA A 224 18.03 6.31 3.72
CA ALA A 224 19.00 5.23 3.58
C ALA A 224 18.88 4.24 4.73
N MET A 225 18.53 3.00 4.39
CA MET A 225 18.36 1.94 5.38
C MET A 225 19.46 0.90 5.26
N PRO A 226 20.48 0.97 6.14
CA PRO A 226 21.56 -0.03 6.06
C PRO A 226 21.05 -1.47 6.18
N ASN A 227 19.90 -1.65 6.82
CA ASN A 227 19.32 -2.98 6.98
C ASN A 227 18.97 -3.63 5.66
N ASN A 228 18.95 -2.83 4.59
CA ASN A 228 18.64 -3.33 3.24
C ASN A 228 19.92 -3.48 2.40
N MET A 229 21.05 -3.02 2.93
CA MET A 229 22.30 -3.07 2.20
C MET A 229 23.04 -4.36 2.47
N MET A 230 22.85 -5.31 1.56
CA MET A 230 23.41 -6.65 1.70
C MET A 230 24.82 -6.87 1.19
N GLY A 231 25.37 -5.87 0.52
CA GLY A 231 26.72 -6.01 0.03
C GLY A 231 26.93 -5.81 -1.45
N THR A 232 28.01 -6.39 -1.94
CA THR A 232 28.40 -6.24 -3.33
C THR A 232 28.47 -7.56 -4.06
N PHE A 233 28.15 -7.50 -5.34
CA PHE A 233 28.26 -8.66 -6.22
C PHE A 233 29.40 -8.32 -7.16
N SER A 234 30.48 -9.11 -7.11
CA SER A 234 31.65 -8.86 -7.95
C SER A 234 31.83 -9.94 -8.98
N VAL A 235 32.23 -9.54 -10.17
CA VAL A 235 32.46 -10.49 -11.25
C VAL A 235 33.76 -10.15 -11.95
N ARG A 236 34.46 -11.16 -12.43
CA ARG A 236 35.73 -10.95 -13.15
C ARG A 236 35.94 -12.06 -14.17
N THR A 237 36.76 -11.79 -15.20
CA THR A 237 37.09 -12.83 -16.16
C THR A 237 38.26 -13.46 -15.38
N VAL A 238 38.36 -14.78 -15.40
CA VAL A 238 39.39 -15.44 -14.61
C VAL A 238 40.74 -15.60 -15.33
N GLY A 239 41.55 -14.55 -15.27
CA GLY A 239 42.83 -14.64 -15.91
C GLY A 239 43.75 -13.51 -15.50
N THR A 240 45.01 -13.65 -15.85
CA THR A 240 46.01 -12.63 -15.54
C THR A 240 46.17 -11.67 -16.70
N SER A 241 45.58 -12.01 -17.85
CA SER A 241 45.63 -11.20 -19.06
C SER A 241 44.21 -10.81 -19.46
N LYS A 242 44.06 -9.68 -20.16
CA LYS A 242 42.73 -9.23 -20.56
C LYS A 242 42.01 -10.26 -21.43
N SER A 243 40.70 -10.35 -21.22
CA SER A 243 39.85 -11.27 -21.96
C SER A 243 39.77 -10.80 -23.42
N LYS A 244 39.54 -11.74 -24.32
CA LYS A 244 39.43 -11.41 -25.74
C LYS A 244 38.01 -10.94 -26.06
N TYR A 245 37.07 -11.14 -25.14
CA TYR A 245 35.69 -10.75 -25.42
C TYR A 245 34.98 -9.86 -24.41
N PRO A 246 34.12 -8.97 -24.92
CA PRO A 246 33.31 -8.04 -24.12
C PRO A 246 32.11 -8.85 -23.63
N LEU A 247 31.71 -8.63 -22.39
CA LEU A 247 30.64 -9.42 -21.82
C LEU A 247 29.58 -8.61 -21.14
N VAL A 248 28.44 -9.28 -20.96
CA VAL A 248 27.30 -8.70 -20.26
C VAL A 248 26.75 -9.79 -19.36
N VAL A 249 26.48 -9.43 -18.11
CA VAL A 249 25.90 -10.35 -17.16
C VAL A 249 24.56 -9.77 -16.75
N ARG A 250 23.49 -10.52 -16.97
CA ARG A 250 22.17 -10.05 -16.55
C ARG A 250 21.76 -10.89 -15.35
N ILE A 251 21.30 -10.21 -14.31
CA ILE A 251 20.91 -10.83 -13.05
C ILE A 251 19.41 -10.90 -12.86
N TYR A 252 18.91 -12.11 -12.66
CA TYR A 252 17.48 -12.31 -12.43
C TYR A 252 17.24 -12.80 -11.02
N MET A 253 16.17 -12.30 -10.42
CA MET A 253 15.83 -12.68 -9.06
C MET A 253 14.42 -13.24 -8.98
N ARG A 254 14.30 -14.38 -8.32
CA ARG A 254 13.00 -15.00 -8.12
C ARG A 254 12.81 -15.17 -6.61
N MET A 255 11.87 -14.44 -6.04
CA MET A 255 11.61 -14.52 -4.62
C MET A 255 10.81 -15.78 -4.32
N LYS A 256 10.98 -16.31 -3.11
CA LYS A 256 10.24 -17.49 -2.68
C LYS A 256 10.13 -17.46 -1.17
N HIS A 257 9.06 -18.06 -0.64
CA HIS A 257 8.82 -18.11 0.81
C HIS A 257 8.63 -16.68 1.26
N VAL A 258 7.69 -16.00 0.60
CA VAL A 258 7.42 -14.60 0.83
C VAL A 258 6.37 -14.25 1.85
N ARG A 259 6.66 -13.20 2.62
CA ARG A 259 5.73 -12.61 3.58
C ARG A 259 5.84 -11.12 3.38
N ALA A 260 4.70 -10.44 3.43
CA ALA A 260 4.66 -9.00 3.22
C ALA A 260 3.69 -8.32 4.19
N TRP A 261 3.98 -7.07 4.54
CA TRP A 261 3.14 -6.29 5.46
C TRP A 261 2.97 -4.84 5.02
N ILE A 262 1.82 -4.26 5.39
CA ILE A 262 1.48 -2.86 5.12
C ILE A 262 1.42 -2.50 3.65
N PRO A 263 0.28 -2.78 3.00
CA PRO A 263 0.16 -2.46 1.58
C PRO A 263 0.11 -0.93 1.40
N ARG A 264 0.53 -0.43 0.25
CA ARG A 264 0.50 1.00 0.00
C ARG A 264 0.08 1.36 -1.42
N PRO A 265 -0.23 2.64 -1.67
CA PRO A 265 -0.63 3.05 -3.03
C PRO A 265 0.46 2.65 -4.01
N MET A 266 0.09 2.24 -5.23
CA MET A 266 1.12 1.86 -6.20
C MET A 266 1.65 3.05 -7.01
N ARG A 267 2.95 3.02 -7.26
CA ARG A 267 3.63 4.07 -8.01
C ARG A 267 2.84 4.47 -9.25
N ASN A 268 2.64 5.79 -9.46
CA ASN A 268 1.90 6.25 -10.65
C ASN A 268 2.67 7.26 -11.51
N GLN A 269 3.89 7.59 -11.09
CA GLN A 269 4.78 8.51 -11.80
C GLN A 269 6.05 7.74 -12.14
N ASN A 270 6.69 8.08 -13.24
CA ASN A 270 7.91 7.35 -13.61
C ASN A 270 8.97 7.43 -12.53
N TYR A 271 9.74 6.36 -12.41
CA TYR A 271 10.84 6.33 -11.45
C TYR A 271 11.99 7.09 -12.12
N LEU A 272 12.85 7.69 -11.31
CA LEU A 272 13.99 8.45 -11.81
C LEU A 272 15.30 7.92 -11.22
N PHE A 273 15.28 7.65 -9.92
CA PHE A 273 16.47 7.19 -9.22
C PHE A 273 16.26 5.95 -8.35
N LYS A 274 17.34 5.20 -8.15
CA LYS A 274 17.29 4.00 -7.33
C LYS A 274 17.00 4.40 -5.86
N ALA A 275 16.25 3.56 -5.15
CA ALA A 275 15.90 3.78 -3.75
C ALA A 275 15.73 5.25 -3.34
N ASN A 276 14.71 5.89 -3.90
CA ASN A 276 14.43 7.29 -3.66
C ASN A 276 13.16 7.50 -4.51
N PRO A 277 12.09 8.05 -3.92
CA PRO A 277 10.85 8.24 -4.69
C PRO A 277 10.70 9.53 -5.47
N ASN A 278 11.80 10.22 -5.79
CA ASN A 278 11.69 11.46 -6.56
C ASN A 278 10.91 11.28 -7.85
N TYR A 279 10.18 12.31 -8.26
CA TYR A 279 9.41 12.25 -9.51
C TYR A 279 9.62 13.58 -10.19
N ALA A 280 9.41 13.65 -11.50
CA ALA A 280 9.58 14.91 -12.22
C ALA A 280 8.39 15.86 -11.99
N GLY A 281 8.61 16.94 -11.23
CA GLY A 281 7.55 17.89 -10.93
C GLY A 281 6.85 18.56 -12.10
N ASN A 282 7.57 18.72 -13.20
CA ASN A 282 7.02 19.35 -14.39
C ASN A 282 6.23 18.42 -15.27
N SER A 283 6.33 17.13 -14.99
CA SER A 283 5.63 16.14 -15.80
C SER A 283 4.75 15.23 -14.95
N ILE A 284 4.01 15.82 -14.01
CA ILE A 284 3.11 15.04 -13.17
C ILE A 284 1.89 14.67 -14.00
N LYS A 285 1.75 13.39 -14.29
CA LYS A 285 0.64 12.94 -15.11
C LYS A 285 -0.48 12.29 -14.28
N PRO A 286 -1.70 12.20 -14.85
CA PRO A 286 -2.79 11.57 -14.11
C PRO A 286 -2.44 10.09 -13.99
N THR A 287 -3.10 9.37 -13.11
CA THR A 287 -2.80 7.97 -12.96
C THR A 287 -3.18 7.19 -14.21
N GLY A 288 -4.25 7.61 -14.89
CA GLY A 288 -4.72 6.92 -16.08
C GLY A 288 -5.21 7.79 -17.25
N ALA A 289 -5.93 7.17 -18.18
CA ALA A 289 -6.46 7.84 -19.36
C ALA A 289 -7.48 8.92 -18.94
N SER A 290 -7.69 9.90 -19.82
CA SER A 290 -8.64 10.99 -19.56
C SER A 290 -9.62 11.09 -20.73
N ARG A 291 -10.69 11.85 -20.56
CA ARG A 291 -11.68 12.00 -21.63
C ARG A 291 -12.14 13.45 -21.66
N THR A 292 -12.94 13.81 -22.65
CA THR A 292 -13.34 15.21 -22.78
C THR A 292 -14.45 15.66 -21.85
N ALA A 293 -15.39 14.77 -21.56
CA ALA A 293 -16.48 15.14 -20.65
C ALA A 293 -16.91 13.96 -19.82
N ILE A 294 -17.50 14.27 -18.67
CA ILE A 294 -17.95 13.27 -17.73
C ILE A 294 -19.28 12.60 -18.16
N THR A 295 -19.92 13.17 -19.17
CA THR A 295 -21.20 12.66 -19.67
C THR A 295 -21.06 11.93 -21.00
N THR A 296 -19.82 11.72 -21.39
CA THR A 296 -19.51 11.10 -22.66
C THR A 296 -18.48 10.01 -22.48
N LEU A 297 -18.55 8.98 -23.31
CA LEU A 297 -17.56 7.93 -23.21
C LEU A 297 -16.27 8.31 -23.90
N SER B 1 -25.17 6.71 19.57
CA SER B 1 -24.67 5.49 20.30
C SER B 1 -23.53 4.91 19.47
N ASP B 2 -22.99 5.76 18.64
CA ASP B 2 -21.91 5.42 17.74
C ASP B 2 -21.47 6.77 17.20
N ARG B 3 -22.35 7.76 17.40
CA ARG B 3 -22.15 9.14 16.98
C ARG B 3 -21.57 9.93 18.14
N VAL B 4 -21.79 9.41 19.34
CA VAL B 4 -21.30 10.03 20.57
C VAL B 4 -20.12 9.27 21.16
N ALA B 5 -19.14 9.97 21.71
CA ALA B 5 -18.01 9.26 22.28
C ALA B 5 -17.20 10.04 23.30
N GLN B 6 -16.50 9.29 24.14
CA GLN B 6 -15.60 9.86 25.14
C GLN B 6 -14.31 9.07 25.15
N LEU B 7 -13.18 9.76 25.05
CA LEU B 7 -11.88 9.11 25.07
C LEU B 7 -11.18 9.68 26.27
N THR B 8 -10.92 8.80 27.22
CA THR B 8 -10.24 9.21 28.44
C THR B 8 -8.96 8.41 28.62
N ILE B 9 -7.84 9.11 28.76
CA ILE B 9 -6.57 8.46 28.97
C ILE B 9 -5.68 9.46 29.71
N GLY B 10 -5.01 8.97 30.75
CA GLY B 10 -4.18 9.87 31.55
C GLY B 10 -5.08 10.84 32.29
N ASN B 11 -4.71 12.13 32.30
CA ASN B 11 -5.53 13.13 32.98
C ASN B 11 -6.30 13.92 31.94
N SER B 12 -6.53 13.31 30.78
CA SER B 12 -7.21 13.99 29.69
C SER B 12 -8.42 13.25 29.13
N THR B 13 -9.48 14.01 28.85
CA THR B 13 -10.72 13.45 28.29
C THR B 13 -11.20 14.24 27.07
N ILE B 14 -11.58 13.52 26.03
CA ILE B 14 -12.10 14.14 24.82
C ILE B 14 -13.55 13.70 24.63
N THR B 15 -14.41 14.61 24.20
CA THR B 15 -15.80 14.25 23.93
C THR B 15 -16.14 14.65 22.50
N THR B 16 -17.12 13.97 21.91
CA THR B 16 -17.60 14.34 20.58
C THR B 16 -19.03 13.86 20.51
N GLN B 17 -19.88 14.63 19.84
CA GLN B 17 -21.29 14.28 19.71
C GLN B 17 -21.64 14.01 18.24
N GLU B 18 -20.62 14.03 17.38
CA GLU B 18 -20.79 13.79 15.95
C GLU B 18 -19.58 12.98 15.44
N ALA B 19 -19.47 11.76 15.98
CA ALA B 19 -18.41 10.84 15.62
C ALA B 19 -18.85 9.85 14.55
N ALA B 20 -17.91 9.07 14.05
CA ALA B 20 -18.22 8.06 13.03
C ALA B 20 -17.47 6.80 13.37
N ASN B 21 -17.69 6.31 14.59
CA ASN B 21 -17.03 5.10 15.04
C ASN B 21 -15.52 5.36 15.21
N ILE B 22 -14.78 4.29 15.45
CA ILE B 22 -13.34 4.38 15.65
C ILE B 22 -12.61 3.33 14.84
N ILE B 23 -11.52 3.74 14.20
CA ILE B 23 -10.75 2.79 13.41
C ILE B 23 -9.55 2.29 14.21
N VAL B 24 -9.35 0.98 14.20
CA VAL B 24 -8.21 0.36 14.86
C VAL B 24 -7.34 -0.18 13.74
N GLY B 25 -6.27 0.54 13.47
CA GLY B 25 -5.39 0.20 12.37
C GLY B 25 -4.94 -1.23 12.21
N TYR B 26 -5.16 -1.78 11.01
CA TYR B 26 -4.74 -3.13 10.71
C TYR B 26 -5.36 -4.12 11.69
N GLY B 27 -6.45 -3.69 12.29
CA GLY B 27 -7.17 -4.54 13.20
C GLY B 27 -6.50 -4.92 14.50
N GLU B 28 -5.53 -4.16 14.96
CA GLU B 28 -4.94 -4.52 16.22
C GLU B 28 -4.55 -3.39 17.14
N TRP B 29 -4.80 -3.62 18.42
CA TRP B 29 -4.50 -2.67 19.46
C TRP B 29 -3.04 -2.66 19.82
N PRO B 30 -2.58 -1.49 20.28
CA PRO B 30 -1.21 -1.28 20.69
C PRO B 30 -0.95 -2.26 21.84
N SER B 31 0.28 -2.73 21.97
CA SER B 31 0.64 -3.63 23.05
C SER B 31 2.12 -3.39 23.33
N TYR B 32 2.57 -3.85 24.50
CA TYR B 32 3.96 -3.70 24.90
C TYR B 32 4.74 -4.80 24.18
N CYS B 33 6.06 -4.63 24.10
CA CYS B 33 6.89 -5.60 23.42
C CYS B 33 7.14 -6.86 24.26
N SER B 34 6.90 -8.01 23.64
CA SER B 34 7.05 -9.30 24.30
C SER B 34 8.51 -9.68 24.55
N ASP B 35 8.72 -10.55 25.52
CA ASP B 35 10.06 -11.00 25.85
C ASP B 35 10.72 -11.81 24.71
N SER B 36 9.94 -12.27 23.74
CA SER B 36 10.51 -13.05 22.64
C SER B 36 10.86 -12.18 21.43
N ASP B 37 10.13 -11.09 21.25
CA ASP B 37 10.37 -10.15 20.14
C ASP B 37 11.48 -9.18 20.53
N ALA B 38 11.58 -8.87 21.82
CA ALA B 38 12.60 -7.96 22.33
C ALA B 38 14.01 -8.48 22.06
N THR B 39 14.99 -7.59 22.08
CA THR B 39 16.37 -8.01 21.88
C THR B 39 17.28 -7.26 22.86
N ALA B 40 16.99 -5.98 23.12
CA ALA B 40 17.78 -5.19 24.07
C ALA B 40 17.56 -5.76 25.46
N VAL B 41 18.64 -5.84 26.25
CA VAL B 41 18.52 -6.46 27.56
C VAL B 41 18.20 -5.60 28.78
N ASP B 42 18.30 -4.29 28.68
CA ASP B 42 18.02 -3.48 29.86
C ASP B 42 16.54 -3.43 30.17
N LYS B 43 16.21 -3.29 31.45
CA LYS B 43 14.80 -3.22 31.83
C LYS B 43 14.28 -1.86 31.33
N PRO B 44 13.20 -1.88 30.54
CA PRO B 44 12.61 -0.66 29.99
C PRO B 44 11.92 0.16 31.06
N THR B 45 11.56 1.39 30.70
CA THR B 45 10.80 2.25 31.61
C THR B 45 9.46 2.47 30.88
N ARG B 46 8.37 2.35 31.62
CA ARG B 46 7.03 2.50 31.07
C ARG B 46 6.34 3.51 31.99
N PRO B 47 6.60 4.81 31.77
CA PRO B 47 6.09 5.97 32.51
C PRO B 47 4.58 6.01 32.70
N ASP B 48 3.86 5.33 31.82
CA ASP B 48 2.40 5.26 31.93
C ASP B 48 1.66 6.61 31.78
N VAL B 49 0.83 6.97 32.76
CA VAL B 49 0.03 8.20 32.69
C VAL B 49 0.72 9.51 32.38
N SER B 50 1.98 9.65 32.77
CA SER B 50 2.67 10.91 32.51
C SER B 50 2.95 11.13 31.03
N VAL B 51 2.95 10.05 30.23
CA VAL B 51 3.22 10.18 28.80
C VAL B 51 2.12 9.65 27.89
N ASN B 52 1.31 8.73 28.38
CA ASN B 52 0.22 8.20 27.56
C ASN B 52 -1.00 9.04 27.92
N ARG B 53 -1.15 10.16 27.23
CA ARG B 53 -2.25 11.08 27.48
C ARG B 53 -2.43 11.89 26.21
N PHE B 54 -3.50 12.68 26.15
CA PHE B 54 -3.73 13.47 24.95
C PHE B 54 -3.00 14.79 24.92
N TYR B 55 -2.31 15.03 23.82
CA TYR B 55 -1.59 16.29 23.64
C TYR B 55 -2.21 16.98 22.44
N THR B 56 -2.64 18.23 22.60
CA THR B 56 -3.20 18.99 21.48
C THR B 56 -2.06 19.86 20.94
N LEU B 57 -1.61 19.52 19.75
CA LEU B 57 -0.45 20.14 19.16
C LEU B 57 -0.54 21.23 18.11
N ASP B 58 -1.63 21.30 17.38
CA ASP B 58 -1.62 22.26 16.31
C ASP B 58 -3.00 22.50 15.76
N THR B 59 -3.17 23.68 15.16
CA THR B 59 -4.44 24.03 14.54
C THR B 59 -4.14 24.66 13.20
N LYS B 60 -4.78 24.15 12.16
CA LYS B 60 -4.62 24.67 10.82
C LYS B 60 -5.96 25.24 10.41
N LEU B 61 -5.94 26.18 9.47
CA LEU B 61 -7.18 26.75 8.98
C LEU B 61 -7.47 26.16 7.63
N TRP B 62 -8.68 25.63 7.52
CA TRP B 62 -9.15 25.02 6.29
C TRP B 62 -9.70 26.15 5.43
N GLU B 63 -9.10 26.35 4.26
CA GLU B 63 -9.57 27.38 3.36
C GLU B 63 -10.07 26.76 2.08
N LYS B 64 -10.90 27.49 1.33
CA LYS B 64 -11.47 26.95 0.10
C LYS B 64 -10.40 26.44 -0.86
N SER B 65 -9.18 26.90 -0.67
CA SER B 65 -8.06 26.52 -1.55
C SER B 65 -6.96 25.68 -0.91
N SER B 66 -7.16 25.19 0.31
CA SER B 66 -6.13 24.41 0.98
C SER B 66 -5.76 23.14 0.21
N LYS B 67 -4.48 22.79 0.25
CA LYS B 67 -4.00 21.62 -0.44
C LYS B 67 -3.92 20.38 0.47
N GLY B 68 -3.73 20.58 1.78
CA GLY B 68 -3.62 19.46 2.68
C GLY B 68 -2.29 19.48 3.40
N TRP B 69 -2.20 18.77 4.53
CA TRP B 69 -0.97 18.77 5.32
C TRP B 69 -0.63 17.37 5.84
N TYR B 70 0.56 17.25 6.40
CA TYR B 70 1.00 16.01 7.02
C TYR B 70 1.87 16.25 8.24
N TRP B 71 1.88 15.28 9.14
CA TRP B 71 2.70 15.36 10.35
C TRP B 71 3.42 14.01 10.43
N LYS B 72 4.55 13.98 11.11
CA LYS B 72 5.28 12.73 11.24
C LYS B 72 5.31 12.30 12.70
N PHE B 73 5.15 11.00 12.92
CA PHE B 73 5.14 10.45 14.27
C PHE B 73 6.36 9.57 14.43
N PRO B 74 7.02 9.63 15.60
CA PRO B 74 6.72 10.44 16.78
C PRO B 74 7.28 11.85 16.78
N ASP B 75 7.82 12.28 15.65
CA ASP B 75 8.39 13.62 15.55
C ASP B 75 7.52 14.74 16.16
N VAL B 76 6.22 14.78 15.87
CA VAL B 76 5.37 15.84 16.41
C VAL B 76 5.45 16.02 17.91
N LEU B 77 5.84 14.97 18.62
CA LEU B 77 5.89 15.03 20.08
C LEU B 77 7.25 15.04 20.73
N THR B 78 8.32 14.86 19.98
CA THR B 78 9.65 14.79 20.59
C THR B 78 10.08 15.96 21.48
N GLU B 79 9.39 17.10 21.39
CA GLU B 79 9.76 18.25 22.22
C GLU B 79 8.66 18.67 23.20
N THR B 80 7.66 17.82 23.37
CA THR B 80 6.52 18.12 24.23
C THR B 80 6.35 17.23 25.45
N GLY B 81 6.14 17.88 26.59
CA GLY B 81 5.92 17.16 27.84
C GLY B 81 6.86 16.06 28.27
N VAL B 82 6.39 15.25 29.20
CA VAL B 82 7.19 14.14 29.72
C VAL B 82 7.52 13.11 28.64
N PHE B 83 6.66 12.99 27.64
CA PHE B 83 6.94 12.06 26.54
C PHE B 83 8.25 12.51 25.86
N GLY B 84 8.27 13.78 25.44
CA GLY B 84 9.44 14.33 24.79
C GLY B 84 10.72 14.10 25.57
N GLN B 85 10.69 14.42 26.85
CA GLN B 85 11.86 14.20 27.67
C GLN B 85 12.32 12.75 27.58
N ASN B 86 11.39 11.81 27.69
CA ASN B 86 11.77 10.40 27.63
C ASN B 86 12.36 10.02 26.30
N ALA B 87 11.81 10.59 25.23
CA ALA B 87 12.27 10.31 23.89
C ALA B 87 13.68 10.86 23.67
N GLN B 88 13.99 11.93 24.37
CA GLN B 88 15.31 12.52 24.25
C GLN B 88 16.39 11.82 25.08
N PHE B 89 16.02 11.37 26.29
CA PHE B 89 16.98 10.71 27.19
C PHE B 89 17.28 9.26 26.84
N HIS B 90 16.39 8.64 26.08
CA HIS B 90 16.57 7.24 25.71
C HIS B 90 16.86 7.00 24.25
N TYR B 91 17.70 6.01 23.97
CA TYR B 91 18.01 5.67 22.59
C TYR B 91 16.76 4.98 22.00
N LEU B 92 16.19 4.04 22.73
CA LEU B 92 15.05 3.27 22.26
C LEU B 92 13.66 3.70 22.72
N TYR B 93 12.73 3.66 21.77
CA TYR B 93 11.35 4.03 22.02
C TYR B 93 10.43 3.16 21.20
N ARG B 94 9.20 3.04 21.69
CA ARG B 94 8.18 2.27 21.01
C ARG B 94 6.85 2.70 21.64
N SER B 95 5.82 2.81 20.81
CA SER B 95 4.49 3.13 21.33
C SER B 95 3.44 3.10 20.22
N GLY B 96 2.19 3.10 20.63
CA GLY B 96 1.09 3.15 19.69
C GLY B 96 0.59 4.58 19.83
N PHE B 97 -0.49 4.91 19.14
CA PHE B 97 -1.08 6.25 19.22
C PHE B 97 -2.57 6.25 18.99
N CYS B 98 -3.25 7.17 19.67
CA CYS B 98 -4.66 7.36 19.42
C CYS B 98 -4.70 8.77 18.84
N ILE B 99 -5.15 8.88 17.60
CA ILE B 99 -5.19 10.17 16.94
C ILE B 99 -6.64 10.65 16.82
N HIS B 100 -6.88 11.89 17.21
CA HIS B 100 -8.22 12.45 17.15
C HIS B 100 -8.15 13.81 16.44
N VAL B 101 -8.57 13.86 15.19
CA VAL B 101 -8.56 15.10 14.42
C VAL B 101 -9.93 15.75 14.54
N GLN B 102 -9.93 17.03 14.91
CA GLN B 102 -11.17 17.76 15.10
C GLN B 102 -11.43 18.86 14.08
N CYS B 103 -12.68 18.96 13.66
CA CYS B 103 -13.13 19.98 12.72
C CYS B 103 -14.64 20.07 12.67
N ASN B 104 -15.21 21.15 13.21
CA ASN B 104 -16.65 21.34 13.17
C ASN B 104 -16.99 22.57 12.31
N ALA B 105 -18.20 22.59 11.77
CA ALA B 105 -18.67 23.71 10.96
C ALA B 105 -20.14 23.92 11.29
N SER B 106 -20.98 24.04 10.28
CA SER B 106 -22.40 24.23 10.53
C SER B 106 -23.16 23.35 9.57
N LYS B 107 -24.46 23.20 9.77
CA LYS B 107 -25.26 22.36 8.88
C LYS B 107 -25.40 23.04 7.50
N PHE B 108 -24.77 24.21 7.36
CA PHE B 108 -24.79 24.95 6.09
C PHE B 108 -23.44 25.00 5.40
N HIS B 109 -22.40 24.47 6.04
CA HIS B 109 -21.09 24.39 5.41
C HIS B 109 -20.98 23.01 4.76
N GLN B 110 -19.92 22.80 3.98
CA GLN B 110 -19.75 21.50 3.35
C GLN B 110 -18.30 21.30 2.99
N GLY B 111 -17.95 20.03 2.79
CA GLY B 111 -16.58 19.69 2.45
C GLY B 111 -16.23 18.37 3.11
N ALA B 112 -15.18 17.72 2.63
CA ALA B 112 -14.75 16.45 3.18
C ALA B 112 -13.25 16.31 3.20
N LEU B 113 -12.73 15.99 4.37
CA LEU B 113 -11.30 15.78 4.60
C LEU B 113 -11.02 14.28 4.67
N LEU B 114 -9.93 13.85 4.06
CA LEU B 114 -9.55 12.45 4.18
C LEU B 114 -8.48 12.43 5.27
N VAL B 115 -8.67 11.65 6.33
CA VAL B 115 -7.68 11.59 7.40
C VAL B 115 -7.10 10.17 7.39
N ALA B 116 -5.82 10.06 7.08
CA ALA B 116 -5.18 8.75 6.96
C ALA B 116 -3.80 8.65 7.58
N VAL B 117 -3.42 7.42 7.88
CA VAL B 117 -2.14 7.14 8.48
C VAL B 117 -1.33 6.29 7.51
N LEU B 118 -0.17 6.81 7.10
CA LEU B 118 0.68 6.11 6.15
C LEU B 118 2.04 5.75 6.77
N PRO B 119 2.28 4.47 7.03
CA PRO B 119 3.55 4.03 7.63
C PRO B 119 4.71 4.31 6.69
N GLU B 120 5.88 4.60 7.24
CA GLU B 120 7.09 4.88 6.45
C GLU B 120 6.77 5.84 5.29
N TYR B 121 6.29 7.02 5.64
CA TYR B 121 5.94 8.02 4.63
C TYR B 121 7.19 8.79 4.20
N VAL B 122 7.89 8.21 3.23
CA VAL B 122 9.10 8.82 2.70
C VAL B 122 8.70 9.90 1.71
N ILE B 123 9.23 11.10 1.91
CA ILE B 123 8.93 12.23 1.03
C ILE B 123 9.89 12.30 -0.16
N GLY B 124 9.38 12.62 -1.34
CA GLY B 124 10.24 12.75 -2.50
C GLY B 124 10.29 14.23 -2.94
N THR B 125 11.19 14.57 -3.85
CA THR B 125 11.22 15.94 -4.34
C THR B 125 10.87 15.91 -5.81
N VAL B 126 10.62 17.08 -6.38
CA VAL B 126 10.28 17.19 -7.80
C VAL B 126 11.47 17.05 -8.74
N ALA B 127 12.63 16.67 -8.21
CA ALA B 127 13.84 16.45 -8.99
C ALA B 127 14.25 17.57 -9.95
N GLY B 128 14.23 18.81 -9.45
CA GLY B 128 14.59 19.95 -10.28
C GLY B 128 13.57 20.29 -11.36
N GLY B 129 12.37 19.74 -11.25
CA GLY B 129 11.31 19.98 -12.22
C GLY B 129 11.39 19.13 -13.49
N THR B 130 12.57 19.10 -14.07
CA THR B 130 12.83 18.33 -15.29
C THR B 130 13.05 16.85 -14.97
N GLY B 131 13.42 16.56 -13.73
CA GLY B 131 13.67 15.19 -13.32
C GLY B 131 15.09 14.74 -13.57
N THR B 132 15.97 15.70 -13.82
CA THR B 132 17.36 15.38 -14.10
C THR B 132 18.25 15.60 -12.88
N GLU B 133 17.74 16.38 -11.93
CA GLU B 133 18.51 16.67 -10.72
C GLU B 133 18.07 15.76 -9.57
N ASP B 134 19.02 15.01 -9.01
CA ASP B 134 18.73 14.10 -7.90
C ASP B 134 18.74 14.84 -6.55
N THR B 135 17.72 15.65 -6.33
CA THR B 135 17.61 16.42 -5.09
C THR B 135 16.97 15.60 -3.95
N HIS B 136 17.09 16.12 -2.74
CA HIS B 136 16.56 15.44 -1.59
C HIS B 136 15.82 16.42 -0.71
N PRO B 137 14.79 15.95 -0.01
CA PRO B 137 14.10 16.93 0.82
C PRO B 137 14.88 17.28 2.07
N PRO B 138 14.83 18.56 2.47
CA PRO B 138 15.54 19.06 3.65
C PRO B 138 14.91 18.55 4.96
N TYR B 139 15.71 18.53 6.03
CA TYR B 139 15.23 18.03 7.33
C TYR B 139 13.89 18.63 7.73
N LYS B 140 13.70 19.93 7.52
CA LYS B 140 12.44 20.57 7.90
C LYS B 140 11.21 20.07 7.12
N GLN B 141 11.42 19.39 6.01
CA GLN B 141 10.30 18.89 5.22
C GLN B 141 10.04 17.42 5.61
N THR B 142 11.09 16.68 5.98
CA THR B 142 10.93 15.28 6.35
C THR B 142 10.45 15.09 7.78
N GLN B 143 10.89 15.98 8.67
CA GLN B 143 10.51 15.98 10.09
C GLN B 143 10.15 17.41 10.48
N PRO B 144 8.95 17.84 10.05
CA PRO B 144 8.38 19.17 10.27
C PRO B 144 7.97 19.54 11.69
N GLY B 145 8.09 18.60 12.63
CA GLY B 145 7.69 18.89 14.00
C GLY B 145 6.20 19.16 14.16
N ALA B 146 5.81 19.80 15.25
CA ALA B 146 4.40 20.04 15.52
C ALA B 146 3.64 20.86 14.49
N ASP B 147 4.32 21.74 13.77
CA ASP B 147 3.67 22.60 12.77
C ASP B 147 3.18 21.84 11.56
N GLY B 148 3.78 20.69 11.33
CA GLY B 148 3.38 19.92 10.18
C GLY B 148 3.94 20.59 8.95
N PHE B 149 3.49 20.14 7.80
CA PHE B 149 3.96 20.68 6.54
C PHE B 149 2.87 20.58 5.47
N GLU B 150 2.77 21.60 4.62
CA GLU B 150 1.77 21.58 3.57
C GLU B 150 2.22 20.83 2.33
N LEU B 151 1.33 20.01 1.77
CA LEU B 151 1.64 19.23 0.59
C LEU B 151 1.80 20.12 -0.62
N GLN B 152 2.83 19.86 -1.42
CA GLN B 152 3.04 20.67 -2.61
C GLN B 152 2.18 20.09 -3.72
N HIS B 153 2.20 18.77 -3.87
CA HIS B 153 1.41 18.07 -4.89
C HIS B 153 0.58 16.96 -4.28
N PRO B 154 -0.53 17.32 -3.64
CA PRO B 154 -1.37 16.29 -3.01
C PRO B 154 -1.76 15.09 -3.89
N TYR B 155 -2.03 15.30 -5.16
CA TYR B 155 -2.43 14.20 -6.02
C TYR B 155 -1.45 13.00 -5.98
N VAL B 156 -0.16 13.28 -5.77
CA VAL B 156 0.85 12.22 -5.72
C VAL B 156 1.53 12.16 -4.34
N LEU B 157 0.87 12.74 -3.35
CA LEU B 157 1.35 12.74 -1.98
C LEU B 157 2.81 13.15 -1.83
N ASP B 158 3.28 14.00 -2.74
CA ASP B 158 4.67 14.46 -2.71
C ASP B 158 5.62 13.28 -2.65
N ALA B 159 5.21 12.14 -3.21
CA ALA B 159 6.03 10.93 -3.19
C ALA B 159 5.79 10.03 -4.39
N GLY B 160 5.12 10.54 -5.42
CA GLY B 160 4.90 9.76 -6.62
C GLY B 160 3.94 8.60 -6.54
N ILE B 161 3.02 8.66 -5.58
CA ILE B 161 2.01 7.62 -5.39
C ILE B 161 0.66 8.31 -5.35
N PRO B 162 -0.38 7.64 -5.84
CA PRO B 162 -1.73 8.22 -5.87
C PRO B 162 -2.52 8.35 -4.60
N ILE B 163 -2.89 9.56 -4.28
CA ILE B 163 -3.70 9.77 -3.10
C ILE B 163 -5.03 9.04 -3.28
N SER B 164 -5.42 8.75 -4.52
CA SER B 164 -6.69 8.05 -4.76
C SER B 164 -6.71 6.67 -4.12
N GLN B 165 -5.53 6.14 -3.81
CA GLN B 165 -5.42 4.82 -3.20
C GLN B 165 -4.99 4.87 -1.73
N LEU B 166 -4.91 6.07 -1.19
CA LEU B 166 -4.50 6.21 0.20
C LEU B 166 -5.46 5.52 1.17
N THR B 167 -6.69 5.22 0.72
CA THR B 167 -7.66 4.57 1.57
C THR B 167 -7.32 3.12 1.86
N VAL B 168 -6.19 2.66 1.33
CA VAL B 168 -5.78 1.29 1.62
C VAL B 168 -5.08 1.34 2.98
N CYS B 169 -4.97 2.54 3.53
CA CYS B 169 -4.36 2.72 4.85
C CYS B 169 -5.45 3.05 5.84
N PRO B 170 -5.16 2.85 7.12
CA PRO B 170 -6.16 3.15 8.15
C PRO B 170 -6.59 4.61 7.98
N HIS B 171 -7.88 4.85 7.88
CA HIS B 171 -8.35 6.21 7.68
C HIS B 171 -9.82 6.39 8.04
N GLN B 172 -10.22 7.66 8.07
CA GLN B 172 -11.60 8.04 8.29
C GLN B 172 -11.75 9.30 7.46
N TRP B 173 -12.99 9.75 7.28
CA TRP B 173 -13.25 10.98 6.56
C TRP B 173 -13.97 11.92 7.50
N ILE B 174 -13.74 13.21 7.36
CA ILE B 174 -14.51 14.15 8.14
C ILE B 174 -15.34 14.83 7.04
N ASN B 175 -16.59 14.39 6.91
CA ASN B 175 -17.50 14.94 5.91
C ASN B 175 -18.43 15.80 6.76
N LEU B 176 -18.28 17.11 6.63
CA LEU B 176 -19.02 18.04 7.45
C LEU B 176 -20.50 17.79 7.71
N ARG B 177 -21.25 17.30 6.72
CA ARG B 177 -22.68 17.05 6.95
C ARG B 177 -22.91 15.86 7.86
N THR B 178 -21.83 15.11 8.12
CA THR B 178 -21.91 13.88 8.90
C THR B 178 -21.20 13.85 10.25
N ASN B 179 -19.93 14.22 10.26
CA ASN B 179 -19.20 14.15 11.51
C ASN B 179 -18.25 15.30 11.67
N ASN B 180 -17.73 15.49 12.89
CA ASN B 180 -16.83 16.59 13.14
C ASN B 180 -15.48 16.13 13.64
N CYS B 181 -15.18 14.84 13.48
CA CYS B 181 -13.89 14.34 13.93
C CYS B 181 -13.57 12.98 13.35
N ALA B 182 -12.31 12.62 13.46
CA ALA B 182 -11.83 11.32 13.01
C ALA B 182 -10.99 10.80 14.15
N THR B 183 -11.16 9.51 14.46
CA THR B 183 -10.38 8.86 15.51
C THR B 183 -9.77 7.58 14.96
N ILE B 184 -8.44 7.49 15.03
CA ILE B 184 -7.71 6.34 14.53
C ILE B 184 -6.72 5.85 15.57
N ILE B 185 -6.76 4.56 15.85
CA ILE B 185 -5.83 3.99 16.82
C ILE B 185 -4.81 3.24 16.01
N VAL B 186 -3.55 3.46 16.32
CA VAL B 186 -2.47 2.85 15.57
C VAL B 186 -1.51 2.08 16.46
N PRO B 187 -1.25 0.82 16.09
CA PRO B 187 -0.31 0.04 16.89
C PRO B 187 1.10 0.42 16.45
N TYR B 188 2.10 -0.05 17.18
CA TYR B 188 3.47 0.22 16.80
C TYR B 188 3.78 -0.57 15.53
N ILE B 189 4.20 0.14 14.50
CA ILE B 189 4.52 -0.47 13.23
C ILE B 189 5.99 -0.26 12.87
N ASN B 190 6.73 -1.34 12.70
CA ASN B 190 8.14 -1.26 12.35
C ASN B 190 8.64 -2.69 12.14
N ALA B 191 9.82 -2.82 11.54
CA ALA B 191 10.41 -4.14 11.32
C ALA B 191 11.37 -4.50 12.47
N LEU B 192 11.40 -3.64 13.51
CA LEU B 192 12.26 -3.81 14.69
C LEU B 192 11.36 -3.66 15.89
N PRO B 193 11.74 -4.24 17.04
CA PRO B 193 10.91 -4.14 18.24
C PRO B 193 10.89 -2.74 18.87
N PHE B 194 12.01 -2.03 18.78
CA PHE B 194 12.16 -0.67 19.31
C PHE B 194 13.01 0.09 18.30
N ASP B 195 12.97 1.42 18.36
CA ASP B 195 13.78 2.20 17.44
C ASP B 195 13.97 3.59 18.03
N SER B 196 14.68 4.44 17.30
CA SER B 196 14.93 5.81 17.73
C SER B 196 13.76 6.73 17.39
N ALA B 197 13.29 7.46 18.40
CA ALA B 197 12.19 8.40 18.20
C ALA B 197 12.66 9.59 17.37
N LEU B 198 13.97 9.80 17.34
CA LEU B 198 14.54 10.92 16.63
C LEU B 198 14.89 10.65 15.18
N ASN B 199 15.56 9.54 14.92
CA ASN B 199 15.98 9.24 13.57
C ASN B 199 14.95 8.63 12.66
N HIS B 200 13.93 8.03 13.23
CA HIS B 200 12.92 7.34 12.43
C HIS B 200 11.50 7.70 12.78
N CYS B 201 10.73 8.08 11.76
CA CYS B 201 9.31 8.39 11.94
C CYS B 201 8.61 7.13 11.45
N ASN B 202 7.79 6.52 12.30
CA ASN B 202 7.13 5.28 11.91
C ASN B 202 6.00 5.48 10.93
N PHE B 203 5.30 6.60 11.04
CA PHE B 203 4.25 6.83 10.09
C PHE B 203 3.94 8.30 9.99
N GLY B 204 3.18 8.64 8.98
CA GLY B 204 2.77 10.01 8.80
C GLY B 204 1.25 10.11 8.87
N LEU B 205 0.77 11.24 9.37
CA LEU B 205 -0.66 11.51 9.45
C LEU B 205 -0.98 12.51 8.35
N LEU B 206 -1.92 12.17 7.47
CA LEU B 206 -2.32 13.06 6.39
C LEU B 206 -3.76 13.51 6.57
N VAL B 207 -3.96 14.81 6.38
CA VAL B 207 -5.28 15.43 6.47
C VAL B 207 -5.37 16.21 5.16
N VAL B 208 -6.20 15.72 4.24
CA VAL B 208 -6.31 16.33 2.91
C VAL B 208 -7.73 16.57 2.45
N PRO B 209 -8.04 17.81 2.07
CA PRO B 209 -9.40 18.04 1.60
C PRO B 209 -9.57 17.44 0.21
N ILE B 210 -10.58 16.57 0.03
CA ILE B 210 -10.84 15.94 -1.27
C ILE B 210 -12.06 16.61 -1.93
N SER B 211 -12.99 17.04 -1.09
CA SER B 211 -14.18 17.76 -1.55
C SER B 211 -13.93 19.09 -0.84
N PRO B 212 -13.67 20.15 -1.59
CA PRO B 212 -13.39 21.47 -1.07
C PRO B 212 -14.39 22.10 -0.14
N LEU B 213 -13.86 22.87 0.81
CA LEU B 213 -14.67 23.57 1.79
C LEU B 213 -15.51 24.61 1.06
N ASP B 214 -16.77 24.77 1.44
CA ASP B 214 -17.59 25.76 0.80
C ASP B 214 -18.72 26.23 1.73
N TYR B 215 -19.20 27.44 1.50
CA TYR B 215 -20.26 28.05 2.29
C TYR B 215 -20.60 29.40 1.67
N ASP B 216 -21.77 29.93 2.01
CA ASP B 216 -22.22 31.23 1.50
C ASP B 216 -21.67 32.40 2.31
N GLN B 217 -21.53 33.55 1.64
CA GLN B 217 -21.04 34.75 2.31
C GLN B 217 -21.89 35.03 3.53
N GLY B 218 -21.24 35.18 4.68
CA GLY B 218 -22.00 35.47 5.90
C GLY B 218 -21.94 34.40 6.96
N ALA B 219 -21.54 33.21 6.55
CA ALA B 219 -21.41 32.08 7.45
C ALA B 219 -19.97 32.17 7.99
N THR B 220 -19.73 31.70 9.22
CA THR B 220 -18.38 31.76 9.79
C THR B 220 -17.38 31.21 8.80
N PRO B 221 -16.41 32.03 8.39
CA PRO B 221 -15.39 31.62 7.40
C PRO B 221 -14.12 30.98 7.94
N VAL B 222 -13.90 31.09 9.24
CA VAL B 222 -12.73 30.49 9.89
C VAL B 222 -13.10 29.09 10.38
N ILE B 223 -12.64 28.06 9.67
CA ILE B 223 -12.93 26.68 10.02
C ILE B 223 -11.61 25.95 10.33
N PRO B 224 -11.24 25.91 11.62
CA PRO B 224 -10.00 25.25 12.08
C PRO B 224 -10.04 23.74 12.07
N ILE B 225 -8.86 23.15 11.97
CA ILE B 225 -8.69 21.71 12.01
C ILE B 225 -7.67 21.54 13.14
N THR B 226 -8.04 20.89 14.22
CA THR B 226 -7.11 20.72 15.32
C THR B 226 -6.67 19.27 15.49
N ILE B 227 -5.39 19.10 15.77
CA ILE B 227 -4.80 17.77 15.90
C ILE B 227 -4.50 17.41 17.36
N THR B 228 -5.13 16.37 17.88
CA THR B 228 -4.88 15.91 19.25
C THR B 228 -4.47 14.43 19.15
N LEU B 229 -3.45 14.04 19.90
CA LEU B 229 -2.98 12.66 19.84
C LEU B 229 -2.44 12.19 21.18
N ALA B 230 -2.52 10.88 21.39
CA ALA B 230 -2.03 10.29 22.62
C ALA B 230 -1.23 9.04 22.38
N PRO B 231 -0.02 9.01 22.94
CA PRO B 231 0.84 7.84 22.80
C PRO B 231 0.13 6.75 23.62
N MET B 232 0.33 5.49 23.26
CA MET B 232 -0.28 4.41 24.01
C MET B 232 0.77 3.34 24.23
N CYS B 233 0.86 2.81 25.44
CA CYS B 233 1.82 1.76 25.74
C CYS B 233 3.26 2.15 25.50
N SER B 234 3.60 3.40 25.81
CA SER B 234 4.96 3.87 25.61
C SER B 234 5.98 3.11 26.44
N GLU B 235 7.09 2.76 25.80
CA GLU B 235 8.21 2.05 26.42
C GLU B 235 9.51 2.72 25.94
N PHE B 236 10.46 2.87 26.85
CA PHE B 236 11.76 3.47 26.52
C PHE B 236 12.90 2.65 27.11
N ALA B 237 14.05 2.66 26.44
CA ALA B 237 15.22 1.94 26.94
C ALA B 237 16.49 2.58 26.39
N GLY B 238 17.63 2.14 26.90
CA GLY B 238 18.91 2.67 26.45
C GLY B 238 19.08 4.11 26.90
N LEU B 239 19.09 4.27 28.20
CA LEU B 239 19.22 5.56 28.85
C LEU B 239 20.61 6.19 28.85
N ARG B 240 20.66 7.49 28.58
CA ARG B 240 21.90 8.27 28.64
C ARG B 240 21.52 9.74 28.76
N GLN B 241 22.36 10.67 28.30
CA GLN B 241 21.98 12.08 28.41
C GLN B 241 20.94 12.42 27.36
N ALA B 242 20.27 13.55 27.56
CA ALA B 242 19.27 13.98 26.58
C ALA B 242 19.94 14.44 25.29
N VAL B 243 19.28 14.14 24.18
CA VAL B 243 19.76 14.47 22.84
C VAL B 243 18.51 14.91 22.06
N THR B 244 18.61 16.00 21.29
CA THR B 244 17.45 16.46 20.51
C THR B 244 17.46 15.96 19.07
N GLN B 245 18.62 15.48 18.63
CA GLN B 245 18.78 14.89 17.31
C GLN B 245 20.14 14.24 17.17
N GLY C 1 28.00 -45.46 -14.08
CA GLY C 1 26.96 -44.69 -13.40
C GLY C 1 25.54 -45.12 -13.74
N PHE C 2 24.58 -44.51 -13.08
CA PHE C 2 23.19 -44.85 -13.34
C PHE C 2 22.74 -44.31 -14.71
N PRO C 3 22.22 -45.18 -15.57
CA PRO C 3 21.77 -44.81 -16.91
C PRO C 3 20.66 -43.77 -16.99
N THR C 4 21.00 -42.60 -17.53
CA THR C 4 20.04 -41.52 -17.72
C THR C 4 20.04 -41.08 -19.18
N GLU C 5 19.04 -40.29 -19.55
CA GLU C 5 18.92 -39.83 -20.92
C GLU C 5 18.29 -38.44 -20.87
N LEU C 6 19.00 -37.44 -21.36
CA LEU C 6 18.50 -36.07 -21.32
C LEU C 6 17.33 -35.77 -22.27
N LYS C 7 16.33 -35.07 -21.76
CA LYS C 7 15.14 -34.74 -22.54
C LYS C 7 15.07 -33.25 -22.94
N PRO C 8 14.25 -32.93 -23.94
CA PRO C 8 14.16 -31.52 -24.35
C PRO C 8 13.83 -30.65 -23.13
N GLY C 9 14.28 -29.41 -23.11
CA GLY C 9 14.04 -28.55 -21.95
C GLY C 9 15.36 -28.44 -21.18
N THR C 10 16.20 -29.46 -21.37
CA THR C 10 17.51 -29.51 -20.74
C THR C 10 18.27 -28.19 -20.96
N ASN C 11 18.82 -27.65 -19.87
CA ASN C 11 19.61 -26.40 -19.87
C ASN C 11 18.84 -25.11 -19.97
N GLN C 12 17.54 -25.17 -20.22
CA GLN C 12 16.76 -23.94 -20.36
C GLN C 12 16.50 -23.27 -19.01
N PHE C 13 16.30 -21.96 -19.06
CA PHE C 13 16.01 -21.18 -17.85
C PHE C 13 14.60 -20.61 -18.04
N LEU C 14 13.63 -21.22 -17.38
CA LEU C 14 12.24 -20.76 -17.44
C LEU C 14 12.06 -19.90 -16.18
N THR C 15 11.72 -18.64 -16.37
CA THR C 15 11.61 -17.73 -15.24
C THR C 15 10.61 -18.08 -14.19
N THR C 16 9.58 -18.85 -14.57
CA THR C 16 8.54 -19.24 -13.63
C THR C 16 8.72 -20.66 -13.10
N ASP C 17 9.83 -21.30 -13.45
CA ASP C 17 10.11 -22.64 -12.97
C ASP C 17 10.36 -22.57 -11.46
N ASP C 18 9.72 -23.46 -10.71
CA ASP C 18 9.83 -23.52 -9.24
C ASP C 18 10.79 -24.66 -8.90
N GLY C 19 12.08 -24.41 -9.03
CA GLY C 19 13.05 -25.44 -8.72
C GLY C 19 13.81 -25.24 -7.42
N VAL C 20 14.82 -26.08 -7.25
CA VAL C 20 15.70 -26.11 -6.08
C VAL C 20 17.10 -25.66 -6.52
N SER C 21 17.72 -24.71 -5.81
CA SER C 21 19.06 -24.24 -6.17
C SER C 21 20.00 -24.32 -4.97
N ALA C 22 21.27 -24.59 -5.23
CA ALA C 22 22.27 -24.69 -4.18
C ALA C 22 22.29 -23.45 -3.30
N PRO C 23 22.33 -23.65 -1.98
CA PRO C 23 22.36 -22.54 -1.02
C PRO C 23 23.76 -21.99 -0.85
N ILE C 24 23.90 -20.66 -0.88
CA ILE C 24 25.22 -20.06 -0.78
C ILE C 24 25.84 -19.98 0.61
N LEU C 25 24.99 -19.91 1.64
CA LEU C 25 25.51 -19.81 3.00
C LEU C 25 25.05 -20.98 3.83
N PRO C 26 25.86 -22.05 3.89
CA PRO C 26 25.44 -23.21 4.68
C PRO C 26 25.31 -22.90 6.17
N ASN C 27 24.30 -23.49 6.81
CA ASN C 27 24.06 -23.31 8.24
C ASN C 27 23.74 -21.90 8.70
N PHE C 28 23.36 -21.05 7.77
CA PHE C 28 23.01 -19.67 8.09
C PHE C 28 21.56 -19.64 8.58
N HIS C 29 21.31 -19.00 9.72
CA HIS C 29 19.95 -18.88 10.25
C HIS C 29 19.59 -17.39 10.22
N PRO C 30 18.42 -17.04 9.65
CA PRO C 30 17.99 -15.65 9.56
C PRO C 30 17.53 -15.00 10.83
N THR C 31 17.48 -13.67 10.80
CA THR C 31 17.02 -12.92 11.94
C THR C 31 15.59 -13.36 12.20
N PRO C 32 15.25 -13.59 13.47
CA PRO C 32 13.88 -14.01 13.75
C PRO C 32 12.85 -13.01 13.25
N CYS C 33 11.63 -13.48 13.04
CA CYS C 33 10.59 -12.59 12.56
C CYS C 33 9.71 -12.13 13.70
N ILE C 34 9.79 -10.86 14.08
CA ILE C 34 8.94 -10.38 15.15
C ILE C 34 7.53 -10.17 14.61
N HIS C 35 6.61 -9.76 15.47
CA HIS C 35 5.26 -9.52 15.00
C HIS C 35 5.17 -8.15 14.37
N ILE C 36 4.62 -8.08 13.17
CA ILE C 36 4.45 -6.83 12.47
C ILE C 36 2.99 -6.77 12.07
N PRO C 37 2.33 -5.66 12.38
CA PRO C 37 0.91 -5.52 12.02
C PRO C 37 0.72 -5.45 10.51
N GLY C 38 -0.49 -5.77 10.05
CA GLY C 38 -0.80 -5.65 8.64
C GLY C 38 -0.27 -6.66 7.65
N GLU C 39 -0.10 -7.90 8.07
CA GLU C 39 0.39 -8.87 7.12
C GLU C 39 -0.68 -9.16 6.10
N VAL C 40 -0.31 -9.27 4.81
CA VAL C 40 -1.31 -9.62 3.81
C VAL C 40 -0.94 -11.00 3.27
N ARG C 41 -1.95 -11.78 2.91
CA ARG C 41 -1.74 -13.14 2.44
C ARG C 41 -2.13 -13.38 0.99
N ASN C 42 -3.08 -12.58 0.50
CA ASN C 42 -3.59 -12.74 -0.84
C ASN C 42 -4.01 -11.39 -1.43
N LEU C 43 -3.60 -11.11 -2.67
CA LEU C 43 -3.95 -9.85 -3.30
C LEU C 43 -5.46 -9.56 -3.26
N LEU C 44 -6.24 -10.63 -3.22
CA LEU C 44 -7.69 -10.48 -3.16
C LEU C 44 -8.12 -9.72 -1.90
N GLU C 45 -7.32 -9.82 -0.85
CA GLU C 45 -7.62 -9.09 0.38
C GLU C 45 -7.64 -7.60 0.06
N LEU C 46 -6.71 -7.15 -0.79
CA LEU C 46 -6.62 -5.75 -1.18
C LEU C 46 -7.70 -5.31 -2.15
N CYS C 47 -8.13 -6.22 -3.01
CA CYS C 47 -9.17 -5.90 -3.99
C CYS C 47 -10.53 -5.60 -3.34
N GLN C 48 -10.69 -5.93 -2.07
CA GLN C 48 -11.96 -5.67 -1.41
C GLN C 48 -11.98 -4.35 -0.67
N VAL C 49 -10.85 -3.66 -0.70
CA VAL C 49 -10.72 -2.36 -0.06
C VAL C 49 -11.04 -1.28 -1.08
N GLU C 50 -12.00 -0.44 -0.73
CA GLU C 50 -12.40 0.66 -1.60
C GLU C 50 -11.36 1.76 -1.72
N THR C 51 -11.13 2.20 -2.95
CA THR C 51 -10.22 3.30 -3.24
C THR C 51 -11.00 4.26 -4.15
N ILE C 52 -10.52 5.49 -4.30
CA ILE C 52 -11.24 6.48 -5.09
C ILE C 52 -11.20 6.30 -6.59
N LEU C 53 -12.40 6.26 -7.16
CA LEU C 53 -12.63 6.08 -8.59
C LEU C 53 -12.70 7.45 -9.28
N GLU C 54 -11.82 7.71 -10.22
CA GLU C 54 -11.85 9.02 -10.88
C GLU C 54 -12.89 9.07 -11.99
N VAL C 55 -14.14 9.20 -11.59
CA VAL C 55 -15.23 9.30 -12.55
C VAL C 55 -14.97 10.58 -13.36
N ASN C 56 -14.49 11.61 -12.68
CA ASN C 56 -14.20 12.87 -13.36
C ASN C 56 -12.78 12.90 -13.91
N ASN C 57 -12.49 11.98 -14.82
CA ASN C 57 -11.16 11.93 -15.39
C ASN C 57 -11.02 12.85 -16.60
N VAL C 58 -11.26 14.15 -16.42
CA VAL C 58 -11.11 15.06 -17.54
C VAL C 58 -9.98 16.10 -17.35
N PRO C 59 -9.93 16.80 -16.20
CA PRO C 59 -8.85 17.79 -16.01
C PRO C 59 -7.47 17.12 -16.08
N THR C 60 -6.53 17.75 -16.78
CA THR C 60 -5.18 17.17 -16.91
C THR C 60 -4.02 18.05 -16.47
N ASN C 61 -4.27 19.34 -16.25
CA ASN C 61 -3.19 20.25 -15.84
C ASN C 61 -2.85 19.98 -14.37
N ALA C 62 -1.56 19.94 -14.05
CA ALA C 62 -1.11 19.64 -12.70
C ALA C 62 -1.91 20.26 -11.56
N THR C 63 -2.28 21.54 -11.71
CA THR C 63 -3.01 22.24 -10.66
C THR C 63 -4.45 21.80 -10.45
N SER C 64 -5.00 21.02 -11.37
CA SER C 64 -6.37 20.58 -11.27
C SER C 64 -6.53 19.08 -11.10
N LEU C 65 -5.43 18.36 -10.96
CA LEU C 65 -5.50 16.91 -10.83
C LEU C 65 -6.43 16.46 -9.69
N MET C 66 -6.42 17.19 -8.58
CA MET C 66 -7.27 16.83 -7.45
C MET C 66 -8.77 16.87 -7.76
N GLU C 67 -9.14 17.56 -8.84
CA GLU C 67 -10.54 17.67 -9.20
C GLU C 67 -11.05 16.38 -9.82
N ARG C 68 -10.13 15.51 -10.20
CA ARG C 68 -10.54 14.25 -10.81
C ARG C 68 -11.17 13.36 -9.75
N LEU C 69 -10.83 13.60 -8.48
CA LEU C 69 -11.31 12.77 -7.38
C LEU C 69 -12.76 12.95 -6.97
N ARG C 70 -13.45 13.93 -7.54
CA ARG C 70 -14.84 14.13 -7.19
C ARG C 70 -15.59 14.77 -8.33
N PHE C 71 -16.89 14.52 -8.40
CA PHE C 71 -17.71 15.12 -9.45
C PHE C 71 -18.90 15.83 -8.84
N PRO C 72 -19.47 16.79 -9.56
CA PRO C 72 -20.60 17.51 -8.97
C PRO C 72 -22.04 17.21 -9.31
N VAL C 73 -22.89 17.74 -8.44
CA VAL C 73 -24.35 17.72 -8.57
C VAL C 73 -24.76 19.13 -8.15
N SER C 74 -25.85 19.61 -8.69
CA SER C 74 -26.34 20.95 -8.36
C SER C 74 -27.79 21.01 -8.78
N ALA C 75 -28.49 22.04 -8.35
CA ALA C 75 -29.90 22.21 -8.71
C ALA C 75 -30.12 22.18 -10.24
N GLN C 76 -31.12 21.43 -10.68
CA GLN C 76 -31.41 21.28 -12.10
C GLN C 76 -32.78 21.82 -12.48
N ALA C 77 -33.29 21.34 -13.63
CA ALA C 77 -34.58 21.75 -14.15
C ALA C 77 -35.65 20.67 -14.01
N GLY C 78 -35.36 19.58 -13.33
CA GLY C 78 -36.35 18.54 -13.13
C GLY C 78 -36.75 17.76 -14.37
N LYS C 79 -35.81 17.63 -15.30
CA LYS C 79 -36.07 16.89 -16.51
C LYS C 79 -35.33 15.54 -16.48
N GLY C 80 -35.07 15.01 -15.29
CA GLY C 80 -34.35 13.73 -15.20
C GLY C 80 -33.04 13.79 -15.96
N GLU C 81 -32.29 14.85 -15.72
CA GLU C 81 -31.05 15.02 -16.45
C GLU C 81 -29.92 14.06 -16.07
N LEU C 82 -28.99 13.91 -17.01
CA LEU C 82 -27.85 13.02 -16.83
C LEU C 82 -26.78 13.71 -16.02
N CYS C 83 -26.22 13.00 -15.05
CA CYS C 83 -25.18 13.56 -14.21
C CYS C 83 -23.79 13.08 -14.62
N ALA C 84 -23.65 11.79 -14.91
CA ALA C 84 -22.36 11.26 -15.30
C ALA C 84 -22.50 9.85 -15.81
N VAL C 85 -21.50 9.39 -16.56
CA VAL C 85 -21.48 8.03 -17.07
C VAL C 85 -20.05 7.53 -17.09
N PHE C 86 -19.87 6.22 -17.06
CA PHE C 86 -18.55 5.61 -17.18
C PHE C 86 -18.70 4.12 -17.42
N ARG C 87 -17.71 3.51 -18.05
CA ARG C 87 -17.75 2.06 -18.29
C ARG C 87 -17.46 1.34 -16.99
N ALA C 88 -18.04 0.17 -16.81
CA ALA C 88 -17.80 -0.59 -15.60
C ALA C 88 -16.58 -1.52 -15.70
N ASP C 89 -15.94 -1.56 -16.87
CA ASP C 89 -14.79 -2.44 -17.09
C ASP C 89 -13.65 -2.04 -16.15
N PRO C 90 -13.35 -2.87 -15.14
CA PRO C 90 -12.28 -2.55 -14.18
C PRO C 90 -10.86 -2.60 -14.66
N GLY C 91 -10.57 -3.33 -15.74
CA GLY C 91 -9.19 -3.38 -16.19
C GLY C 91 -8.99 -2.69 -17.52
N ARG C 92 -9.86 -1.73 -17.81
CA ARG C 92 -9.82 -0.98 -19.06
C ARG C 92 -9.37 0.44 -18.74
N ASN C 93 -8.80 1.12 -19.74
CA ASN C 93 -8.35 2.49 -19.52
C ASN C 93 -9.55 3.34 -19.18
N GLY C 94 -9.37 4.24 -18.23
CA GLY C 94 -10.50 5.06 -17.84
C GLY C 94 -10.47 5.29 -16.34
N PRO C 95 -11.64 5.61 -15.79
CA PRO C 95 -11.80 5.87 -14.36
C PRO C 95 -11.20 4.84 -13.41
N TRP C 96 -11.37 3.56 -13.73
CA TRP C 96 -10.89 2.53 -12.83
C TRP C 96 -9.39 2.50 -12.61
N GLN C 97 -8.64 3.11 -13.51
CA GLN C 97 -7.19 3.08 -13.35
C GLN C 97 -6.72 3.79 -12.09
N SER C 98 -7.60 4.60 -11.50
CA SER C 98 -7.24 5.33 -10.29
C SER C 98 -7.32 4.44 -9.06
N THR C 99 -8.04 3.34 -9.17
CA THR C 99 -8.25 2.42 -8.06
C THR C 99 -7.18 1.36 -7.90
N LEU C 100 -6.99 0.92 -6.67
CA LEU C 100 -6.01 -0.12 -6.42
C LEU C 100 -6.49 -1.40 -7.12
N LEU C 101 -7.80 -1.61 -7.14
CA LEU C 101 -8.37 -2.79 -7.78
C LEU C 101 -7.97 -2.80 -9.24
N GLY C 102 -8.13 -1.65 -9.89
CA GLY C 102 -7.79 -1.55 -11.29
C GLY C 102 -6.32 -1.82 -11.54
N GLN C 103 -5.47 -1.32 -10.66
CA GLN C 103 -4.06 -1.53 -10.83
C GLN C 103 -3.64 -2.98 -10.64
N LEU C 104 -4.20 -3.64 -9.63
CA LEU C 104 -3.87 -5.04 -9.32
C LEU C 104 -4.38 -5.92 -10.45
N CYS C 105 -5.53 -5.54 -10.93
CA CYS C 105 -6.18 -6.18 -12.05
C CYS C 105 -5.23 -6.26 -13.25
N GLY C 106 -4.38 -5.23 -13.38
CA GLY C 106 -3.45 -5.19 -14.49
C GLY C 106 -2.39 -6.27 -14.52
N TYR C 107 -2.21 -6.97 -13.40
CA TYR C 107 -1.24 -8.05 -13.34
C TYR C 107 -1.89 -9.41 -13.62
N TYR C 108 -3.16 -9.40 -14.01
CA TYR C 108 -3.85 -10.64 -14.32
C TYR C 108 -4.55 -10.55 -15.66
N THR C 109 -4.54 -11.62 -16.42
CA THR C 109 -5.14 -11.61 -17.74
C THR C 109 -6.65 -11.71 -17.69
N GLN C 110 -7.16 -12.49 -16.75
CA GLN C 110 -8.60 -12.72 -16.61
C GLN C 110 -9.10 -12.46 -15.21
N TRP C 111 -10.37 -12.08 -15.12
CA TRP C 111 -11.00 -11.82 -13.83
C TRP C 111 -12.45 -12.27 -13.88
N SER C 112 -13.03 -12.42 -12.70
CA SER C 112 -14.40 -12.84 -12.57
C SER C 112 -14.95 -12.39 -11.23
N GLY C 113 -16.17 -11.85 -11.24
CA GLY C 113 -16.75 -11.43 -9.99
C GLY C 113 -17.62 -10.19 -10.05
N SER C 114 -18.27 -9.88 -8.95
CA SER C 114 -19.10 -8.72 -8.89
C SER C 114 -18.30 -7.55 -8.35
N LEU C 115 -18.69 -6.35 -8.74
CA LEU C 115 -17.99 -5.16 -8.30
C LEU C 115 -18.97 -4.30 -7.53
N GLU C 116 -18.45 -3.30 -6.83
CA GLU C 116 -19.31 -2.38 -6.12
C GLU C 116 -18.69 -1.00 -6.10
N VAL C 117 -19.55 0.00 -6.26
CA VAL C 117 -19.11 1.39 -6.21
C VAL C 117 -19.98 2.05 -5.16
N THR C 118 -19.34 2.63 -4.16
CA THR C 118 -20.06 3.32 -3.12
C THR C 118 -19.85 4.82 -3.34
N PHE C 119 -20.96 5.55 -3.41
CA PHE C 119 -20.92 6.99 -3.64
C PHE C 119 -21.21 7.73 -2.37
N MET C 120 -20.32 8.66 -2.02
CA MET C 120 -20.49 9.47 -0.82
C MET C 120 -20.83 10.92 -1.20
N PHE C 121 -21.95 11.41 -0.68
CA PHE C 121 -22.37 12.78 -0.96
C PHE C 121 -21.69 13.70 0.04
N THR C 122 -21.03 14.75 -0.43
CA THR C 122 -20.33 15.65 0.48
C THR C 122 -20.90 17.07 0.51
N GLY C 123 -22.17 17.20 0.12
CA GLY C 123 -22.81 18.50 0.18
C GLY C 123 -23.13 18.86 1.63
N SER C 124 -23.82 19.97 1.85
CA SER C 124 -24.16 20.36 3.22
C SER C 124 -25.29 19.53 3.75
N PHE C 125 -25.42 19.54 5.07
CA PHE C 125 -26.48 18.80 5.75
C PHE C 125 -27.87 19.18 5.26
N MET C 126 -28.04 20.45 4.91
CA MET C 126 -29.33 20.95 4.45
C MET C 126 -29.70 20.61 3.03
N ALA C 127 -28.77 20.04 2.27
CA ALA C 127 -29.05 19.64 0.88
C ALA C 127 -29.71 18.27 0.82
N THR C 128 -30.76 18.13 0.01
CA THR C 128 -31.43 16.85 -0.15
C THR C 128 -31.44 16.49 -1.62
N GLY C 129 -31.82 15.25 -1.92
CA GLY C 129 -31.88 14.82 -3.30
C GLY C 129 -32.05 13.33 -3.47
N LYS C 130 -32.52 12.94 -4.65
CA LYS C 130 -32.67 11.54 -5.02
C LYS C 130 -32.04 11.36 -6.41
N MET C 131 -31.11 10.42 -6.52
CA MET C 131 -30.41 10.12 -7.77
C MET C 131 -30.72 8.68 -8.16
N LEU C 132 -30.70 8.38 -9.45
CA LEU C 132 -30.93 7.01 -9.93
C LEU C 132 -29.61 6.58 -10.57
N ILE C 133 -28.99 5.53 -10.03
CA ILE C 133 -27.74 5.03 -10.56
C ILE C 133 -28.01 3.70 -11.24
N ALA C 134 -27.67 3.62 -12.52
CA ALA C 134 -27.94 2.42 -13.28
C ALA C 134 -26.76 1.72 -13.88
N TYR C 135 -26.87 0.40 -13.94
CA TYR C 135 -25.86 -0.46 -14.53
C TYR C 135 -26.50 -1.13 -15.73
N THR C 136 -25.94 -0.88 -16.91
CA THR C 136 -26.48 -1.45 -18.13
C THR C 136 -25.59 -2.58 -18.59
N PRO C 137 -26.09 -3.83 -18.47
CA PRO C 137 -25.34 -5.02 -18.89
C PRO C 137 -24.97 -4.92 -20.37
N PRO C 138 -24.04 -5.76 -20.82
CA PRO C 138 -23.59 -5.76 -22.22
C PRO C 138 -24.69 -5.70 -23.27
N GLY C 139 -24.36 -5.06 -24.40
CA GLY C 139 -25.32 -4.96 -25.48
C GLY C 139 -26.21 -3.73 -25.44
N GLY C 140 -26.37 -3.16 -24.25
CA GLY C 140 -27.19 -1.98 -24.16
C GLY C 140 -26.36 -0.74 -24.41
N PRO C 141 -26.72 0.08 -25.41
CA PRO C 141 -25.96 1.30 -25.69
C PRO C 141 -26.15 2.30 -24.57
N LEU C 142 -25.31 3.34 -24.55
CA LEU C 142 -25.42 4.35 -23.51
C LEU C 142 -26.87 4.84 -23.49
N PRO C 143 -27.54 4.72 -22.35
CA PRO C 143 -28.95 5.16 -22.27
C PRO C 143 -29.10 6.64 -22.66
N LYS C 144 -30.05 6.92 -23.54
CA LYS C 144 -30.27 8.30 -24.00
C LYS C 144 -31.02 9.13 -22.96
N ASP C 145 -31.88 8.48 -22.20
CA ASP C 145 -32.64 9.16 -21.15
C ASP C 145 -32.77 8.27 -19.92
N ARG C 146 -33.31 8.84 -18.85
CA ARG C 146 -33.46 8.12 -17.59
C ARG C 146 -34.41 6.95 -17.74
N ALA C 147 -35.41 7.10 -18.58
CA ALA C 147 -36.39 6.04 -18.80
C ALA C 147 -35.79 4.79 -19.39
N THR C 148 -34.74 4.96 -20.19
CA THR C 148 -34.07 3.84 -20.81
C THR C 148 -33.10 3.21 -19.80
N ALA C 149 -32.42 4.07 -19.04
CA ALA C 149 -31.46 3.62 -18.05
C ALA C 149 -32.16 2.73 -17.01
N MET C 150 -33.30 3.22 -16.58
CA MET C 150 -34.16 2.62 -15.57
C MET C 150 -34.52 1.14 -15.86
N LEU C 151 -34.38 0.71 -17.11
CA LEU C 151 -34.71 -0.66 -17.47
C LEU C 151 -33.63 -1.67 -17.06
N GLY C 152 -32.48 -1.20 -16.64
CA GLY C 152 -31.43 -2.10 -16.22
C GLY C 152 -31.33 -2.21 -14.71
N THR C 153 -30.22 -2.75 -14.23
CA THR C 153 -30.01 -2.89 -12.80
C THR C 153 -29.77 -1.50 -12.24
N HIS C 154 -30.49 -1.13 -11.20
CA HIS C 154 -30.29 0.21 -10.66
C HIS C 154 -30.66 0.39 -9.20
N VAL C 155 -30.22 1.53 -8.67
CA VAL C 155 -30.45 1.88 -7.28
C VAL C 155 -30.96 3.31 -7.26
N ILE C 156 -31.98 3.58 -6.48
CA ILE C 156 -32.48 4.94 -6.34
C ILE C 156 -31.98 5.39 -4.98
N TRP C 157 -31.08 6.38 -5.01
CA TRP C 157 -30.41 6.93 -3.84
C TRP C 157 -31.05 8.18 -3.21
N ASP C 158 -31.28 8.11 -1.90
CA ASP C 158 -31.89 9.25 -1.20
C ASP C 158 -30.87 9.85 -0.24
N PHE C 159 -30.57 11.14 -0.37
CA PHE C 159 -29.60 11.79 0.52
C PHE C 159 -30.20 11.92 1.92
N GLY C 160 -29.36 11.70 2.92
CA GLY C 160 -29.84 11.79 4.31
C GLY C 160 -28.68 11.56 5.25
N LEU C 161 -28.96 11.16 6.50
CA LEU C 161 -27.90 10.91 7.49
C LEU C 161 -26.83 9.96 7.01
N GLN C 162 -27.25 8.92 6.29
CA GLN C 162 -26.29 7.97 5.74
C GLN C 162 -25.80 8.68 4.48
N SER C 163 -24.56 9.16 4.53
CA SER C 163 -23.98 9.91 3.42
C SER C 163 -23.81 9.15 2.12
N SER C 164 -23.69 7.83 2.22
CA SER C 164 -23.41 7.03 1.04
C SER C 164 -24.39 5.94 0.63
N VAL C 165 -24.23 5.48 -0.61
CA VAL C 165 -25.05 4.42 -1.14
C VAL C 165 -24.13 3.52 -1.96
N THR C 166 -24.49 2.25 -2.07
CA THR C 166 -23.67 1.33 -2.83
C THR C 166 -24.40 0.80 -4.04
N LEU C 167 -23.74 0.86 -5.18
CA LEU C 167 -24.31 0.30 -6.39
C LEU C 167 -23.51 -0.97 -6.57
N VAL C 168 -24.19 -2.08 -6.71
CA VAL C 168 -23.52 -3.34 -6.94
C VAL C 168 -23.56 -3.59 -8.43
N ILE C 169 -22.42 -3.92 -9.01
CA ILE C 169 -22.38 -4.26 -10.42
C ILE C 169 -22.23 -5.77 -10.40
N PRO C 170 -23.37 -6.48 -10.34
CA PRO C 170 -23.36 -7.94 -10.29
C PRO C 170 -22.70 -8.58 -11.49
N TRP C 171 -22.06 -9.71 -11.26
CA TRP C 171 -21.41 -10.44 -12.34
C TRP C 171 -22.49 -11.01 -13.27
N ILE C 172 -22.60 -10.41 -14.45
CA ILE C 172 -23.53 -10.85 -15.47
C ILE C 172 -22.69 -10.99 -16.73
N SER C 173 -22.23 -12.20 -16.99
CA SER C 173 -21.34 -12.47 -18.10
C SER C 173 -21.76 -13.76 -18.77
N ASN C 174 -21.37 -13.92 -20.03
CA ASN C 174 -21.69 -15.16 -20.71
C ASN C 174 -20.61 -16.17 -20.34
N THR C 175 -19.37 -15.68 -20.19
CA THR C 175 -18.23 -16.53 -19.83
C THR C 175 -17.96 -16.49 -18.33
N HIS C 176 -17.27 -17.51 -17.82
CA HIS C 176 -16.95 -17.58 -16.40
C HIS C 176 -15.93 -16.53 -16.01
N TYR C 177 -15.10 -16.16 -16.98
CA TYR C 177 -14.07 -15.15 -16.74
C TYR C 177 -14.10 -14.19 -17.92
N ARG C 178 -13.65 -12.96 -17.68
CA ARG C 178 -13.55 -11.97 -18.75
C ARG C 178 -12.06 -11.64 -18.83
N ALA C 179 -11.56 -11.37 -20.04
CA ALA C 179 -10.17 -10.94 -20.18
C ALA C 179 -10.35 -9.43 -20.12
N HIS C 180 -9.27 -8.65 -20.16
CA HIS C 180 -9.45 -7.19 -20.11
C HIS C 180 -10.07 -6.69 -21.38
N ALA C 181 -11.13 -5.89 -21.25
CA ALA C 181 -11.79 -5.36 -22.42
C ALA C 181 -11.10 -4.13 -22.94
N ARG C 182 -11.16 -3.98 -24.25
CA ARG C 182 -10.59 -2.82 -24.91
C ARG C 182 -11.28 -2.72 -26.26
N ASP C 183 -11.14 -1.57 -26.91
CA ASP C 183 -11.76 -1.32 -28.20
C ASP C 183 -11.34 -2.40 -29.17
N GLY C 184 -12.30 -2.91 -29.94
CA GLY C 184 -11.97 -3.96 -30.89
C GLY C 184 -12.70 -5.24 -30.55
N VAL C 185 -12.20 -6.38 -31.00
CA VAL C 185 -12.88 -7.63 -30.71
C VAL C 185 -12.93 -7.94 -29.21
N PHE C 186 -12.01 -7.38 -28.44
CA PHE C 186 -12.05 -7.64 -27.01
C PHE C 186 -13.15 -6.92 -26.28
N ASP C 187 -13.96 -6.15 -27.02
CA ASP C 187 -15.10 -5.47 -26.42
C ASP C 187 -16.12 -6.57 -26.06
N TYR C 188 -15.85 -7.77 -26.57
CA TYR C 188 -16.65 -8.96 -26.29
C TYR C 188 -16.70 -9.14 -24.76
N TYR C 189 -15.61 -8.75 -24.10
CA TYR C 189 -15.52 -8.88 -22.64
C TYR C 189 -15.97 -7.65 -21.87
N THR C 190 -16.62 -6.70 -22.53
CA THR C 190 -17.01 -5.52 -21.77
C THR C 190 -18.05 -5.88 -20.73
N THR C 191 -17.95 -5.18 -19.59
CA THR C 191 -18.83 -5.34 -18.45
C THR C 191 -20.13 -4.56 -18.60
N GLY C 192 -20.03 -3.39 -19.24
CA GLY C 192 -21.21 -2.58 -19.43
C GLY C 192 -21.01 -1.14 -19.01
N LEU C 193 -22.11 -0.44 -18.77
CA LEU C 193 -22.06 0.97 -18.41
C LEU C 193 -22.78 1.35 -17.14
N VAL C 194 -22.25 2.39 -16.49
CA VAL C 194 -22.86 2.92 -15.29
C VAL C 194 -23.27 4.35 -15.63
N SER C 195 -24.52 4.72 -15.34
CA SER C 195 -24.98 6.09 -15.60
C SER C 195 -25.72 6.62 -14.37
N ILE C 196 -25.55 7.91 -14.09
CA ILE C 196 -26.17 8.52 -12.93
C ILE C 196 -27.11 9.63 -13.36
N TRP C 197 -28.34 9.56 -12.89
CA TRP C 197 -29.35 10.53 -13.25
C TRP C 197 -30.01 11.20 -12.06
N TYR C 198 -30.62 12.36 -12.29
CA TYR C 198 -31.33 13.04 -11.24
C TYR C 198 -32.70 12.37 -11.20
N GLN C 199 -33.08 11.82 -10.04
CA GLN C 199 -34.38 11.16 -9.90
C GLN C 199 -35.38 12.27 -9.62
N THR C 200 -35.03 13.16 -8.69
CA THR C 200 -35.88 14.32 -8.42
C THR C 200 -35.00 15.53 -8.73
N ASN C 201 -34.40 16.12 -7.70
CA ASN C 201 -33.54 17.28 -7.90
C ASN C 201 -32.70 17.53 -6.66
N TYR C 202 -31.60 18.25 -6.82
CA TYR C 202 -30.76 18.63 -5.68
C TYR C 202 -31.47 19.88 -5.15
N VAL C 203 -31.91 19.83 -3.90
CA VAL C 203 -32.66 20.93 -3.31
C VAL C 203 -31.96 21.46 -2.08
N VAL C 204 -31.96 22.77 -1.95
CA VAL C 204 -31.24 23.37 -0.86
C VAL C 204 -32.00 24.62 -0.43
N PRO C 205 -31.88 25.03 0.84
CA PRO C 205 -32.60 26.24 1.22
C PRO C 205 -31.72 27.46 1.01
N ILE C 206 -32.21 28.62 1.39
CA ILE C 206 -31.41 29.83 1.25
C ILE C 206 -30.21 29.69 2.19
N GLY C 207 -29.03 30.09 1.75
CA GLY C 207 -27.88 30.02 2.63
C GLY C 207 -26.93 28.85 2.51
N ALA C 208 -27.25 27.93 1.62
CA ALA C 208 -26.41 26.77 1.40
C ALA C 208 -25.96 26.73 -0.05
N PRO C 209 -24.73 26.29 -0.29
CA PRO C 209 -24.12 26.19 -1.63
C PRO C 209 -25.01 25.47 -2.66
N ASN C 210 -25.03 25.97 -3.90
CA ASN C 210 -25.85 25.40 -4.96
C ASN C 210 -25.21 24.26 -5.69
N THR C 211 -23.95 24.03 -5.36
CA THR C 211 -23.17 22.96 -5.96
C THR C 211 -22.47 22.17 -4.87
N ALA C 212 -22.43 20.86 -5.05
CA ALA C 212 -21.77 19.98 -4.10
C ALA C 212 -21.12 18.86 -4.88
N TYR C 213 -20.25 18.12 -4.22
CA TYR C 213 -19.57 17.03 -4.87
C TYR C 213 -19.85 15.66 -4.31
N ILE C 214 -19.64 14.66 -5.16
CA ILE C 214 -19.81 13.27 -4.81
C ILE C 214 -18.47 12.60 -5.02
N ILE C 215 -18.08 11.75 -4.09
CA ILE C 215 -16.83 11.01 -4.19
C ILE C 215 -17.24 9.55 -4.38
N ALA C 216 -16.61 8.88 -5.34
CA ALA C 216 -16.91 7.49 -5.62
C ALA C 216 -15.77 6.57 -5.15
N LEU C 217 -16.16 5.51 -4.44
CA LEU C 217 -15.20 4.54 -3.93
C LEU C 217 -15.56 3.18 -4.52
N ALA C 218 -14.57 2.51 -5.10
CA ALA C 218 -14.83 1.21 -5.73
C ALA C 218 -13.96 0.07 -5.21
N ALA C 219 -14.52 -1.14 -5.30
CA ALA C 219 -13.82 -2.35 -4.86
C ALA C 219 -14.56 -3.57 -5.41
N ALA C 220 -14.01 -4.74 -5.11
CA ALA C 220 -14.61 -5.98 -5.57
C ALA C 220 -15.39 -6.67 -4.46
N GLN C 221 -16.37 -7.47 -4.89
CA GLN C 221 -17.20 -8.26 -3.98
C GLN C 221 -16.42 -9.53 -3.60
N LYS C 222 -16.93 -10.30 -2.65
CA LYS C 222 -16.24 -11.51 -2.22
C LYS C 222 -16.22 -12.68 -3.21
N ASN C 223 -16.89 -12.55 -4.35
CA ASN C 223 -16.87 -13.64 -5.31
C ASN C 223 -15.85 -13.36 -6.41
N PHE C 224 -15.11 -12.27 -6.24
CA PHE C 224 -14.11 -11.85 -7.20
C PHE C 224 -12.77 -12.61 -7.08
N THR C 225 -12.26 -13.06 -8.23
CA THR C 225 -10.97 -13.74 -8.29
C THR C 225 -10.31 -13.34 -9.61
N MET C 226 -9.00 -13.55 -9.72
CA MET C 226 -8.28 -13.22 -10.95
C MET C 226 -7.42 -14.42 -11.32
N LYS C 227 -7.05 -14.53 -12.60
CA LYS C 227 -6.21 -15.63 -13.02
C LYS C 227 -5.32 -15.30 -14.23
N LEU C 228 -4.28 -16.09 -14.40
CA LEU C 228 -3.31 -15.93 -15.49
C LEU C 228 -2.52 -14.67 -15.31
N CYS C 229 -1.62 -14.79 -14.37
CA CYS C 229 -0.70 -13.76 -13.94
C CYS C 229 0.10 -13.21 -15.11
N LYS C 230 0.13 -11.89 -15.26
CA LYS C 230 0.88 -11.29 -16.37
C LYS C 230 1.50 -9.95 -15.97
N ASP C 231 2.31 -9.39 -16.85
CA ASP C 231 2.91 -8.09 -16.54
C ASP C 231 1.91 -6.98 -16.85
N ALA C 232 1.99 -5.91 -16.07
CA ALA C 232 1.10 -4.78 -16.22
C ALA C 232 1.38 -4.04 -17.53
N SER C 233 0.37 -3.34 -18.04
CA SER C 233 0.51 -2.61 -19.29
C SER C 233 1.48 -1.42 -19.21
N ASP C 234 1.72 -0.92 -18.01
CA ASP C 234 2.63 0.21 -17.82
C ASP C 234 3.98 -0.18 -17.28
N ILE C 235 5.01 0.51 -17.76
CA ILE C 235 6.36 0.30 -17.25
C ILE C 235 6.79 1.72 -16.87
N LEU C 236 6.84 1.98 -15.58
CA LEU C 236 7.17 3.32 -15.11
C LEU C 236 8.62 3.81 -15.13
N GLN C 237 9.26 3.73 -16.29
CA GLN C 237 10.60 4.26 -16.43
C GLN C 237 10.80 4.61 -17.88
N THR C 238 11.59 5.65 -18.12
CA THR C 238 11.83 6.09 -19.48
C THR C 238 13.19 5.65 -20.00
N GLY C 239 14.22 6.00 -19.26
CA GLY C 239 15.55 5.60 -19.63
C GLY C 239 16.00 4.74 -18.48
N THR C 240 17.30 4.58 -18.31
CA THR C 240 17.75 3.78 -17.20
C THR C 240 17.53 4.61 -15.93
N ILE C 241 17.28 3.93 -14.82
CA ILE C 241 17.06 4.57 -13.52
C ILE C 241 18.45 4.60 -12.89
N GLN C 242 18.89 5.78 -12.49
CA GLN C 242 20.22 5.91 -11.90
C GLN C 242 20.31 6.02 -10.40
N SER D 1 12.76 -34.67 5.98
CA SER D 1 14.22 -34.92 6.06
C SER D 1 14.83 -34.30 7.33
N HIS D 2 16.16 -34.32 7.42
CA HIS D 2 16.85 -33.76 8.56
C HIS D 2 17.76 -32.60 8.16
N GLU D 3 17.13 -31.44 7.96
CA GLU D 3 17.78 -30.22 7.54
C GLU D 3 17.68 -29.10 8.58
N ASN D 4 18.20 -27.92 8.24
CA ASN D 4 18.16 -26.73 9.10
C ASN D 4 16.89 -25.93 8.83
N SER D 5 16.38 -25.24 9.86
CA SER D 5 15.17 -24.42 9.70
C SER D 5 15.51 -22.97 9.34
N ASN D 6 16.15 -22.84 8.17
CA ASN D 6 16.65 -21.63 7.53
C ASN D 6 15.64 -20.78 6.74
N SER D 7 14.54 -21.38 6.34
CA SER D 7 13.52 -20.72 5.51
C SER D 7 13.04 -19.37 6.06
N ALA D 8 12.76 -18.45 5.15
CA ALA D 8 12.29 -17.13 5.55
C ALA D 8 10.90 -17.23 6.17
N THR D 9 10.22 -18.36 5.93
CA THR D 9 8.88 -18.58 6.43
C THR D 9 8.73 -19.49 7.63
N GLU D 10 9.84 -19.95 8.22
CA GLU D 10 9.76 -20.79 9.41
C GLU D 10 8.98 -19.99 10.47
N GLY D 11 7.94 -20.62 11.04
CA GLY D 11 7.12 -19.94 12.04
C GLY D 11 5.96 -19.15 11.45
N SER D 12 5.53 -19.54 10.25
CA SER D 12 4.42 -18.89 9.54
C SER D 12 3.13 -19.61 9.96
N THR D 13 2.04 -18.83 10.09
CA THR D 13 0.73 -19.35 10.48
C THR D 13 0.04 -20.16 9.37
N ILE D 14 0.71 -20.23 8.22
CA ILE D 14 0.22 -21.00 7.08
C ILE D 14 1.35 -21.97 6.73
N ASN D 15 1.02 -23.23 6.52
CA ASN D 15 2.04 -24.21 6.18
C ASN D 15 2.20 -24.45 4.67
N TYR D 16 3.45 -24.61 4.27
CA TYR D 16 3.81 -24.81 2.89
C TYR D 16 4.14 -26.29 2.63
N THR D 17 4.13 -26.68 1.35
CA THR D 17 4.49 -28.04 0.99
C THR D 17 5.56 -27.94 -0.13
N THR D 18 6.82 -28.16 0.26
CA THR D 18 7.95 -28.00 -0.64
C THR D 18 8.88 -29.18 -0.88
N ILE D 19 9.79 -29.00 -1.85
CA ILE D 19 10.79 -30.01 -2.23
C ILE D 19 12.18 -29.40 -2.00
N ASN D 20 13.12 -30.24 -1.55
CA ASN D 20 14.49 -29.78 -1.29
C ASN D 20 15.46 -30.93 -1.33
N TYR D 21 16.74 -30.66 -1.62
CA TYR D 21 17.78 -31.69 -1.70
C TYR D 21 19.02 -31.25 -0.92
N TYR D 22 18.94 -30.12 -0.21
CA TYR D 22 20.07 -29.59 0.53
C TYR D 22 19.79 -29.50 2.01
N LYS D 23 20.83 -29.32 2.82
CA LYS D 23 20.64 -29.26 4.27
C LYS D 23 20.05 -27.94 4.75
N ASP D 24 19.95 -26.96 3.88
CA ASP D 24 19.41 -25.66 4.27
C ASP D 24 18.00 -25.51 3.69
N SER D 25 17.01 -25.25 4.54
CA SER D 25 15.64 -25.17 4.04
C SER D 25 15.34 -24.03 3.09
N TYR D 26 16.12 -22.95 3.16
CA TYR D 26 15.82 -21.85 2.25
C TYR D 26 16.10 -22.20 0.79
N ALA D 27 16.76 -23.32 0.55
CA ALA D 27 17.07 -23.78 -0.80
C ALA D 27 15.86 -24.44 -1.46
N ALA D 28 14.85 -24.74 -0.64
CA ALA D 28 13.65 -25.40 -1.10
C ALA D 28 12.82 -24.61 -2.09
N THR D 29 11.93 -25.32 -2.79
CA THR D 29 11.02 -24.70 -3.77
C THR D 29 10.03 -23.78 -3.05
N ALA D 30 9.28 -23.00 -3.82
CA ALA D 30 8.28 -22.10 -3.25
C ALA D 30 7.10 -22.92 -2.70
N GLY D 31 6.83 -24.03 -3.38
CA GLY D 31 5.76 -24.92 -2.98
C GLY D 31 4.36 -24.36 -3.18
N LYS D 32 3.44 -24.81 -2.32
CA LYS D 32 2.03 -24.38 -2.32
C LYS D 32 1.78 -23.69 -0.98
N GLN D 33 1.21 -22.47 -1.01
CA GLN D 33 0.89 -21.74 0.22
C GLN D 33 -0.49 -22.23 0.69
N SER D 34 -0.94 -21.75 1.84
CA SER D 34 -2.25 -22.14 2.35
C SER D 34 -3.16 -21.02 1.94
N LEU D 35 -4.40 -21.36 1.61
CA LEU D 35 -5.33 -20.34 1.15
C LEU D 35 -6.24 -19.64 2.17
N LYS D 36 -5.66 -18.96 3.15
CA LYS D 36 -6.44 -18.23 4.12
C LYS D 36 -6.41 -16.75 3.72
N GLN D 37 -7.44 -15.99 4.09
CA GLN D 37 -7.49 -14.56 3.80
C GLN D 37 -8.16 -13.82 4.95
N ASP D 38 -7.79 -12.58 5.14
CA ASP D 38 -8.40 -11.76 6.17
C ASP D 38 -8.62 -10.39 5.61
N PRO D 39 -9.66 -10.21 4.81
CA PRO D 39 -9.95 -8.91 4.20
C PRO D 39 -10.27 -7.84 5.24
N ASP D 40 -10.98 -8.24 6.29
CA ASP D 40 -11.41 -7.31 7.33
C ASP D 40 -10.33 -6.44 7.94
N LYS D 41 -9.13 -6.98 8.04
CA LYS D 41 -7.97 -6.28 8.58
C LYS D 41 -7.79 -4.93 7.86
N PHE D 42 -8.06 -4.93 6.56
CA PHE D 42 -7.92 -3.72 5.75
C PHE D 42 -9.25 -3.07 5.38
N ALA D 43 -10.26 -3.90 5.15
CA ALA D 43 -11.53 -3.38 4.69
C ALA D 43 -12.55 -3.05 5.75
N ASN D 44 -12.38 -3.59 6.94
CA ASN D 44 -13.35 -3.30 7.98
C ASN D 44 -12.69 -3.26 9.35
N PRO D 45 -11.68 -2.41 9.53
CA PRO D 45 -11.02 -2.36 10.84
C PRO D 45 -11.67 -1.46 11.87
N VAL D 46 -12.98 -1.58 12.02
CA VAL D 46 -13.71 -0.75 12.99
C VAL D 46 -13.79 -1.41 14.36
N LYS D 47 -13.79 -0.59 15.41
CA LYS D 47 -13.86 -1.08 16.78
C LYS D 47 -15.20 -1.79 17.06
N ASP D 48 -16.30 -1.08 16.80
CA ASP D 48 -17.66 -1.60 17.01
C ASP D 48 -18.25 -1.94 15.63
N ILE D 49 -18.21 -3.21 15.25
CA ILE D 49 -18.74 -3.64 13.95
C ILE D 49 -20.25 -3.40 13.77
N PHE D 50 -20.65 -2.97 12.57
CA PHE D 50 -22.05 -2.69 12.25
C PHE D 50 -22.56 -3.73 11.23
N THR D 51 -23.86 -4.07 11.27
CA THR D 51 -24.44 -5.07 10.35
C THR D 51 -24.69 -4.53 8.94
N GLU D 52 -25.05 -5.44 8.04
CA GLU D 52 -25.35 -5.09 6.66
C GLU D 52 -26.72 -4.40 6.60
N MET D 53 -27.66 -4.94 7.38
CA MET D 53 -29.04 -4.45 7.44
C MET D 53 -29.24 -3.11 8.16
N ALA D 54 -28.41 -2.81 9.15
CA ALA D 54 -28.53 -1.58 9.92
C ALA D 54 -28.08 -0.32 9.18
N ALA D 55 -28.41 0.82 9.76
CA ALA D 55 -27.99 2.11 9.23
C ALA D 55 -26.65 2.26 9.95
N PRO D 56 -25.51 2.28 9.22
CA PRO D 56 -24.16 2.42 9.80
C PRO D 56 -23.95 3.45 10.94
N LEU D 57 -24.62 4.59 10.85
CA LEU D 57 -24.54 5.66 11.86
C LEU D 57 -25.85 5.85 12.59
N LYS D 58 -25.93 5.39 13.83
CA LYS D 58 -27.14 5.56 14.62
C LYS D 58 -26.73 6.02 16.02
#